data_7MOX
#
_entry.id   7MOX
#
_cell.length_a   92.560
_cell.length_b   99.190
_cell.length_c   139.780
_cell.angle_alpha   90.000
_cell.angle_beta   90.000
_cell.angle_gamma   90.000
#
_symmetry.space_group_name_H-M   'P 21 21 21'
#
loop_
_entity.id
_entity.type
_entity.pdbx_description
1 polymer 'Histone deacetylase 2'
2 non-polymer 'ZINC ION'
3 non-polymer 'SULFATE ION'
4 non-polymer 'CALCIUM ION'
5 non-polymer DI(HYDROXYETHYL)ETHER
6 non-polymer (1S)-N-[(1S)-7,7-dihydroxy-1-{4-[(1R,4S)-1,2,3,4-tetrahydro-1,4-methanonaphthalen-6-yl]-1H-imidazol-2-yl}nonyl]-6-methyl-6-azaspiro[2.5]octane-1-carboxamide
7 water water
#
_entity_poly.entity_id   1
_entity_poly.type   'polypeptide(L)'
_entity_poly.pdbx_seq_one_letter_code
;MAYSQGGGKKKVCYYYDGDIGNYYYGQGHPMKPHRIRMTHNLLLNYGLYRKMEIYRPHKATAEEMTKYHSDEYIKFLRSI
RPDNMSEYSKQMQRFNVGEDCPVFDGLFEFCQLSTGGSVAGAVKLNRQQTDMAVNWAGGLHHAKKSEASGFCYVNDIVLA
ILELLKYHQRVLYIDIDIHHGDGVEEAFYTTDRVMTVSFHKYGEYFPGTGDLRDIGAGKGKYYAVNFPMRDGIDDESYGQ
IFKPIISKVMEMYQPSAVVLQCGADSLSGDRLGCFNLTVKGHAKCVEVVKTFNLPLLMLGGGGYTIRNVARCWTYETAVA
LDCEIPNELPYNDYFEYFGPDFKLHISPSNMTNQNTPEYMEKIKQRLFENLRMLPH
;
_entity_poly.pdbx_strand_id   A,B,C
#
# COMPACT_ATOMS: atom_id res chain seq x y z
N GLY A 8 5.12 -12.58 36.52
CA GLY A 8 6.22 -13.53 36.58
C GLY A 8 5.92 -14.83 35.88
N LYS A 9 6.49 -15.94 36.37
CA LYS A 9 6.26 -17.27 35.80
C LYS A 9 4.84 -17.70 36.12
N LYS A 10 4.19 -18.37 35.16
CA LYS A 10 2.80 -18.78 35.29
C LYS A 10 2.58 -20.28 35.41
N LYS A 11 1.45 -20.66 35.98
CA LYS A 11 1.08 -22.04 36.12
C LYS A 11 0.54 -22.49 34.74
N VAL A 12 1.03 -23.61 34.25
CA VAL A 12 0.62 -24.15 32.95
C VAL A 12 0.02 -25.52 33.10
N CYS A 13 -1.19 -25.73 32.56
CA CYS A 13 -1.88 -27.02 32.54
C CYS A 13 -1.89 -27.49 31.10
N TYR A 14 -1.53 -28.73 30.88
CA TYR A 14 -1.40 -29.28 29.53
C TYR A 14 -2.31 -30.49 29.36
N TYR A 15 -3.04 -30.58 28.22
CA TYR A 15 -4.01 -31.63 27.98
C TYR A 15 -3.55 -32.53 26.88
N TYR A 16 -3.55 -33.84 27.13
CA TYR A 16 -3.09 -34.80 26.15
C TYR A 16 -3.65 -36.18 26.42
N ASP A 17 -4.10 -36.86 25.38
CA ASP A 17 -4.55 -38.25 25.50
C ASP A 17 -3.59 -39.07 24.63
N GLY A 18 -2.94 -40.08 25.21
CA GLY A 18 -2.00 -40.97 24.54
C GLY A 18 -2.54 -41.71 23.32
N ASP A 19 -3.87 -41.78 23.16
CA ASP A 19 -4.47 -42.43 21.99
C ASP A 19 -4.55 -41.51 20.78
N ILE A 20 -4.45 -40.18 20.98
CA ILE A 20 -4.64 -39.22 19.89
C ILE A 20 -3.77 -39.51 18.64
N GLY A 21 -2.52 -39.93 18.84
CA GLY A 21 -1.61 -40.19 17.72
C GLY A 21 -1.95 -41.35 16.83
N ASN A 22 -2.90 -42.20 17.27
CA ASN A 22 -3.32 -43.38 16.51
C ASN A 22 -4.42 -43.11 15.48
N TYR A 23 -5.07 -41.95 15.54
CA TYR A 23 -6.15 -41.62 14.57
C TYR A 23 -5.51 -41.35 13.23
N TYR A 24 -6.08 -41.93 12.16
CA TYR A 24 -5.47 -41.84 10.84
C TYR A 24 -6.46 -41.37 9.81
N TYR A 25 -6.17 -40.22 9.19
CA TYR A 25 -7.05 -39.65 8.17
C TYR A 25 -7.04 -40.46 6.86
N GLY A 26 -6.01 -41.27 6.63
CA GLY A 26 -5.93 -42.06 5.41
C GLY A 26 -4.68 -41.81 4.61
N GLN A 27 -4.34 -42.74 3.73
CA GLN A 27 -3.15 -42.64 2.89
C GLN A 27 -3.17 -41.36 2.04
N GLY A 28 -2.09 -40.59 2.11
CA GLY A 28 -1.96 -39.37 1.35
C GLY A 28 -2.56 -38.12 1.98
N HIS A 29 -3.37 -38.28 3.05
CA HIS A 29 -3.97 -37.12 3.69
C HIS A 29 -2.91 -36.36 4.50
N PRO A 30 -2.77 -35.05 4.28
CA PRO A 30 -1.71 -34.30 4.99
C PRO A 30 -1.92 -34.17 6.50
N MET A 31 -3.15 -34.29 7.01
CA MET A 31 -3.39 -34.15 8.46
C MET A 31 -2.97 -35.41 9.17
N LYS A 32 -1.95 -35.29 10.04
CA LYS A 32 -1.38 -36.44 10.75
C LYS A 32 -1.45 -36.27 12.25
N PRO A 33 -2.45 -36.87 12.91
CA PRO A 33 -2.52 -36.76 14.39
C PRO A 33 -1.27 -37.24 15.13
N HIS A 34 -0.46 -38.09 14.47
CA HIS A 34 0.80 -38.58 15.02
C HIS A 34 1.73 -37.42 15.42
N ARG A 35 1.62 -36.24 14.75
CA ARG A 35 2.44 -35.08 15.12
C ARG A 35 2.20 -34.63 16.58
N ILE A 36 0.99 -34.87 17.14
N ILE A 36 1.00 -34.84 17.14
CA ILE A 36 0.66 -34.51 18.53
CA ILE A 36 0.72 -34.46 18.54
C ILE A 36 1.46 -35.42 19.48
C ILE A 36 1.49 -35.42 19.48
N ARG A 37 1.59 -36.70 19.12
CA ARG A 37 2.36 -37.67 19.91
C ARG A 37 3.87 -37.32 19.79
N MET A 38 4.33 -36.92 18.58
CA MET A 38 5.73 -36.52 18.41
C MET A 38 6.04 -35.30 19.31
N THR A 39 5.11 -34.33 19.37
CA THR A 39 5.28 -33.12 20.18
C THR A 39 5.41 -33.52 21.67
N HIS A 40 4.48 -34.36 22.14
CA HIS A 40 4.45 -34.83 23.51
C HIS A 40 5.75 -35.53 23.88
N ASN A 41 6.21 -36.46 23.02
CA ASN A 41 7.41 -37.22 23.32
C ASN A 41 8.64 -36.32 23.36
N LEU A 42 8.69 -35.32 22.47
CA LEU A 42 9.82 -34.41 22.44
C LEU A 42 9.84 -33.55 23.72
N LEU A 43 8.67 -33.01 24.12
CA LEU A 43 8.64 -32.16 25.31
C LEU A 43 8.90 -32.99 26.60
N LEU A 44 8.52 -34.27 26.62
CA LEU A 44 8.82 -35.16 27.74
C LEU A 44 10.34 -35.35 27.83
N ASN A 45 10.99 -35.60 26.68
CA ASN A 45 12.43 -35.83 26.67
C ASN A 45 13.25 -34.57 26.99
N TYR A 46 12.66 -33.37 26.86
CA TYR A 46 13.34 -32.13 27.25
C TYR A 46 13.12 -31.86 28.78
N GLY A 47 12.27 -32.65 29.44
CA GLY A 47 11.97 -32.52 30.87
C GLY A 47 10.90 -31.47 31.16
N LEU A 48 10.13 -31.07 30.15
CA LEU A 48 9.09 -30.03 30.32
C LEU A 48 7.87 -30.48 31.18
N TYR A 49 7.80 -31.78 31.54
CA TYR A 49 6.75 -32.32 32.39
CA TYR A 49 6.77 -32.39 32.40
C TYR A 49 7.00 -31.94 33.87
N ARG A 50 8.25 -31.64 34.24
CA ARG A 50 8.60 -31.29 35.63
C ARG A 50 7.94 -30.02 36.14
N LYS A 51 7.57 -29.13 35.23
CA LYS A 51 6.97 -27.86 35.62
C LYS A 51 5.51 -27.71 35.19
N MET A 52 4.92 -28.70 34.52
CA MET A 52 3.53 -28.58 34.05
C MET A 52 2.61 -29.57 34.71
N GLU A 53 1.32 -29.23 34.86
CA GLU A 53 0.35 -30.19 35.36
C GLU A 53 -0.19 -30.85 34.09
N ILE A 54 -0.05 -32.18 33.95
CA ILE A 54 -0.50 -32.87 32.74
C ILE A 54 -1.79 -33.58 33.03
N TYR A 55 -2.82 -33.31 32.22
CA TYR A 55 -4.13 -33.89 32.36
C TYR A 55 -4.55 -34.64 31.10
N ARG A 56 -5.38 -35.69 31.27
CA ARG A 56 -5.93 -36.44 30.15
C ARG A 56 -7.35 -35.91 30.03
N PRO A 57 -7.67 -35.31 28.88
CA PRO A 57 -9.02 -34.75 28.73
C PRO A 57 -10.09 -35.82 28.69
N HIS A 58 -11.29 -35.47 29.13
CA HIS A 58 -12.41 -36.38 29.05
C HIS A 58 -12.88 -36.42 27.56
N LYS A 59 -13.70 -37.41 27.18
CA LYS A 59 -14.24 -37.47 25.82
C LYS A 59 -15.49 -36.60 25.84
N ALA A 60 -15.45 -35.43 25.17
CA ALA A 60 -16.58 -34.50 25.14
C ALA A 60 -17.83 -35.20 24.61
N THR A 61 -18.97 -34.97 25.28
CA THR A 61 -20.19 -35.65 24.87
C THR A 61 -20.85 -34.96 23.69
N ALA A 62 -21.72 -35.69 22.96
CA ALA A 62 -22.50 -35.12 21.84
C ALA A 62 -23.25 -33.87 22.31
N GLU A 63 -23.77 -33.92 23.54
CA GLU A 63 -24.46 -32.82 24.20
C GLU A 63 -23.56 -31.59 24.37
N GLU A 64 -22.29 -31.74 24.79
CA GLU A 64 -21.37 -30.62 24.93
C GLU A 64 -21.15 -29.99 23.55
N MET A 65 -20.99 -30.83 22.51
CA MET A 65 -20.76 -30.34 21.15
C MET A 65 -21.96 -29.58 20.58
N THR A 66 -23.19 -29.96 21.01
CA THR A 66 -24.38 -29.28 20.50
C THR A 66 -24.62 -27.93 21.18
N LYS A 67 -23.71 -27.46 22.06
CA LYS A 67 -23.82 -26.09 22.57
C LYS A 67 -23.56 -25.12 21.36
N TYR A 68 -22.96 -25.59 20.27
CA TYR A 68 -22.72 -24.83 19.06
C TYR A 68 -23.26 -25.57 17.84
N HIS A 69 -22.78 -26.81 17.58
CA HIS A 69 -23.19 -27.58 16.41
C HIS A 69 -24.63 -28.07 16.42
N SER A 70 -25.20 -28.30 15.23
CA SER A 70 -26.59 -28.76 15.16
C SER A 70 -26.70 -30.21 15.65
N ASP A 71 -27.89 -30.57 16.18
CA ASP A 71 -28.11 -31.94 16.65
C ASP A 71 -27.97 -32.94 15.53
N GLU A 72 -28.48 -32.63 14.33
CA GLU A 72 -28.38 -33.54 13.20
C GLU A 72 -26.95 -33.76 12.75
N TYR A 73 -26.13 -32.70 12.79
CA TYR A 73 -24.73 -32.85 12.38
C TYR A 73 -23.98 -33.70 13.40
N ILE A 74 -24.15 -33.45 14.69
CA ILE A 74 -23.45 -34.24 15.72
C ILE A 74 -23.95 -35.68 15.71
N LYS A 75 -25.27 -35.91 15.46
CA LYS A 75 -25.79 -37.29 15.38
C LYS A 75 -25.14 -38.03 14.23
N PHE A 76 -24.93 -37.35 13.09
CA PHE A 76 -24.28 -37.91 11.92
C PHE A 76 -22.82 -38.31 12.25
N LEU A 77 -22.06 -37.40 12.88
CA LEU A 77 -20.66 -37.69 13.22
C LEU A 77 -20.53 -38.91 14.15
N ARG A 78 -21.46 -39.04 15.07
CA ARG A 78 -21.50 -40.13 16.05
C ARG A 78 -21.91 -41.48 15.42
N SER A 79 -22.59 -41.44 14.26
CA SER A 79 -23.09 -42.64 13.58
C SER A 79 -22.26 -43.15 12.41
N ILE A 80 -21.66 -42.25 11.62
CA ILE A 80 -20.91 -42.64 10.43
C ILE A 80 -19.62 -43.38 10.74
N ARG A 81 -19.33 -44.42 9.94
CA ARG A 81 -18.14 -45.27 10.02
C ARG A 81 -17.76 -45.71 8.61
N PRO A 82 -16.49 -46.10 8.35
CA PRO A 82 -16.15 -46.57 7.00
C PRO A 82 -17.02 -47.77 6.51
N ASP A 83 -17.49 -48.63 7.44
CA ASP A 83 -18.30 -49.81 7.09
C ASP A 83 -19.77 -49.53 6.77
N ASN A 84 -20.28 -48.37 7.17
CA ASN A 84 -21.68 -48.00 6.89
C ASN A 84 -21.82 -46.76 6.00
N MET A 85 -20.68 -46.20 5.52
CA MET A 85 -20.61 -45.01 4.65
C MET A 85 -21.59 -45.04 3.50
N SER A 86 -21.79 -46.24 2.88
CA SER A 86 -22.66 -46.40 1.72
C SER A 86 -24.08 -45.95 1.99
N GLU A 87 -24.56 -46.11 3.23
CA GLU A 87 -25.92 -45.73 3.62
C GLU A 87 -26.08 -44.25 3.98
N TYR A 88 -25.00 -43.47 3.95
CA TYR A 88 -25.03 -42.05 4.33
C TYR A 88 -24.56 -41.11 3.22
N SER A 89 -24.56 -41.55 1.95
CA SER A 89 -24.10 -40.70 0.84
C SER A 89 -24.77 -39.32 0.80
N LYS A 90 -26.06 -39.24 1.14
CA LYS A 90 -26.82 -37.98 1.15
C LYS A 90 -26.31 -37.03 2.26
N GLN A 91 -26.24 -37.54 3.51
CA GLN A 91 -25.78 -36.73 4.63
C GLN A 91 -24.32 -36.34 4.49
N MET A 92 -23.49 -37.20 3.88
CA MET A 92 -22.07 -36.88 3.66
C MET A 92 -21.92 -35.64 2.78
N GLN A 93 -22.74 -35.53 1.73
CA GLN A 93 -22.69 -34.36 0.85
C GLN A 93 -23.17 -33.14 1.60
N ARG A 94 -24.27 -33.27 2.35
CA ARG A 94 -24.87 -32.22 3.13
C ARG A 94 -23.90 -31.63 4.17
N PHE A 95 -23.12 -32.51 4.81
CA PHE A 95 -22.18 -32.10 5.87
C PHE A 95 -20.74 -31.94 5.43
N ASN A 96 -20.48 -32.03 4.11
CA ASN A 96 -19.16 -31.87 3.53
C ASN A 96 -18.14 -32.89 4.02
N VAL A 97 -18.58 -34.13 4.21
CA VAL A 97 -17.69 -35.20 4.61
C VAL A 97 -17.33 -35.93 3.32
N GLY A 98 -16.05 -35.94 3.00
CA GLY A 98 -15.54 -36.49 1.76
C GLY A 98 -14.04 -36.43 1.70
N GLU A 99 -13.47 -35.87 0.62
CA GLU A 99 -12.01 -35.82 0.45
C GLU A 99 -11.27 -35.08 1.56
N ASP A 100 -11.50 -33.76 1.78
CA ASP A 100 -10.77 -33.03 2.81
C ASP A 100 -11.08 -33.54 4.20
N CYS A 101 -12.36 -33.89 4.46
CA CYS A 101 -12.81 -34.34 5.78
C CYS A 101 -13.34 -35.76 5.64
N PRO A 102 -12.43 -36.73 5.53
CA PRO A 102 -12.87 -38.11 5.32
C PRO A 102 -13.45 -38.80 6.52
N VAL A 103 -14.13 -39.92 6.23
CA VAL A 103 -14.68 -40.80 7.26
C VAL A 103 -13.52 -41.74 7.58
N PHE A 104 -13.11 -41.77 8.85
CA PHE A 104 -12.04 -42.68 9.24
C PHE A 104 -12.40 -43.40 10.53
N ASP A 105 -11.75 -44.54 10.81
CA ASP A 105 -12.02 -45.31 12.04
C ASP A 105 -11.76 -44.42 13.27
N GLY A 106 -12.75 -44.33 14.16
CA GLY A 106 -12.60 -43.55 15.38
C GLY A 106 -12.76 -42.05 15.21
N LEU A 107 -13.32 -41.61 14.07
CA LEU A 107 -13.55 -40.18 13.80
C LEU A 107 -14.21 -39.44 14.98
N PHE A 108 -15.34 -39.98 15.49
CA PHE A 108 -16.04 -39.32 16.58
C PHE A 108 -15.19 -39.23 17.84
N GLU A 109 -14.47 -40.32 18.17
CA GLU A 109 -13.59 -40.29 19.36
C GLU A 109 -12.47 -39.27 19.20
N PHE A 110 -11.94 -39.11 17.98
CA PHE A 110 -10.91 -38.11 17.71
C PHE A 110 -11.50 -36.71 18.00
N CYS A 111 -12.74 -36.45 17.54
CA CYS A 111 -13.40 -35.16 17.82
C CYS A 111 -13.62 -34.97 19.33
N GLN A 112 -14.03 -36.03 20.03
CA GLN A 112 -14.27 -35.97 21.47
C GLN A 112 -13.02 -35.60 22.26
N LEU A 113 -11.86 -36.14 21.85
CA LEU A 113 -10.58 -35.88 22.53
C LEU A 113 -10.06 -34.48 22.21
N SER A 114 -10.16 -34.07 20.93
CA SER A 114 -9.73 -32.73 20.53
C SER A 114 -10.55 -31.68 21.29
N THR A 115 -11.88 -31.86 21.31
CA THR A 115 -12.79 -30.95 21.97
C THR A 115 -12.64 -30.97 23.48
N GLY A 116 -12.52 -32.17 24.05
CA GLY A 116 -12.39 -32.36 25.49
C GLY A 116 -11.23 -31.56 26.07
N GLY A 117 -10.10 -31.55 25.36
CA GLY A 117 -8.93 -30.80 25.83
C GLY A 117 -9.20 -29.32 25.87
N SER A 118 -9.85 -28.80 24.82
CA SER A 118 -10.13 -27.36 24.75
C SER A 118 -11.12 -26.89 25.77
N VAL A 119 -12.23 -27.62 25.92
N VAL A 119 -12.24 -27.62 25.93
CA VAL A 119 -13.25 -27.28 26.89
CA VAL A 119 -13.25 -27.22 26.91
C VAL A 119 -12.71 -27.44 28.31
C VAL A 119 -12.74 -27.45 28.33
N ALA A 120 -11.96 -28.52 28.58
CA ALA A 120 -11.39 -28.76 29.93
C ALA A 120 -10.42 -27.60 30.30
N GLY A 121 -9.63 -27.16 29.32
CA GLY A 121 -8.72 -26.04 29.53
C GLY A 121 -9.46 -24.75 29.86
N ALA A 122 -10.57 -24.50 29.15
CA ALA A 122 -11.41 -23.32 29.39
C ALA A 122 -12.03 -23.39 30.80
N VAL A 123 -12.51 -24.57 31.23
CA VAL A 123 -13.08 -24.73 32.58
C VAL A 123 -12.00 -24.41 33.64
N LYS A 124 -10.79 -24.94 33.45
CA LYS A 124 -9.67 -24.73 34.38
C LYS A 124 -9.31 -23.23 34.51
N LEU A 125 -9.35 -22.51 33.37
CA LEU A 125 -9.11 -21.08 33.33
C LEU A 125 -10.26 -20.32 34.07
N ASN A 126 -11.52 -20.69 33.81
CA ASN A 126 -12.71 -20.09 34.45
C ASN A 126 -12.66 -20.26 35.97
N ARG A 127 -12.16 -21.41 36.43
CA ARG A 127 -12.03 -21.65 37.88
C ARG A 127 -10.82 -20.98 38.52
N GLN A 128 -10.01 -20.22 37.74
CA GLN A 128 -8.82 -19.55 38.20
C GLN A 128 -7.82 -20.52 38.81
N GLN A 129 -7.75 -21.74 38.24
CA GLN A 129 -6.81 -22.76 38.73
C GLN A 129 -5.56 -22.89 37.89
N THR A 130 -5.43 -22.07 36.82
CA THR A 130 -4.26 -22.03 35.98
C THR A 130 -4.22 -20.67 35.27
N ASP A 131 -3.03 -20.28 34.88
CA ASP A 131 -2.82 -19.05 34.15
C ASP A 131 -2.88 -19.37 32.62
N MET A 132 -2.35 -20.55 32.24
CA MET A 132 -2.35 -20.99 30.86
CA MET A 132 -2.35 -20.98 30.85
C MET A 132 -2.80 -22.44 30.75
N ALA A 133 -3.55 -22.77 29.70
CA ALA A 133 -4.00 -24.14 29.45
C ALA A 133 -3.59 -24.41 28.01
N VAL A 134 -3.00 -25.58 27.73
CA VAL A 134 -2.47 -25.93 26.40
C VAL A 134 -3.14 -27.21 25.89
N ASN A 135 -3.64 -27.19 24.63
CA ASN A 135 -4.26 -28.37 24.04
C ASN A 135 -3.78 -28.41 22.59
N TRP A 136 -2.64 -29.10 22.34
CA TRP A 136 -2.12 -29.13 20.97
C TRP A 136 -3.03 -29.90 20.02
N ALA A 137 -3.93 -30.76 20.52
CA ALA A 137 -4.86 -31.50 19.68
C ALA A 137 -6.07 -30.64 19.22
N GLY A 138 -6.21 -29.42 19.73
CA GLY A 138 -7.34 -28.57 19.34
C GLY A 138 -6.94 -27.55 18.28
N GLY A 139 -7.73 -26.51 18.15
CA GLY A 139 -7.48 -25.45 17.18
C GLY A 139 -8.06 -25.74 15.80
N LEU A 140 -9.11 -26.58 15.73
CA LEU A 140 -9.70 -26.99 14.44
C LEU A 140 -10.72 -25.94 14.00
N HIS A 141 -10.19 -24.79 13.60
CA HIS A 141 -10.92 -23.56 13.33
C HIS A 141 -11.87 -23.50 12.14
N HIS A 142 -11.89 -24.47 11.21
CA HIS A 142 -12.77 -24.36 10.04
C HIS A 142 -14.17 -24.96 10.23
N ALA A 143 -14.35 -25.83 11.23
CA ALA A 143 -15.65 -26.48 11.38
C ALA A 143 -16.78 -25.50 11.62
N LYS A 144 -17.90 -25.72 10.91
CA LYS A 144 -19.06 -24.85 10.97
C LYS A 144 -20.18 -25.49 11.78
N LYS A 145 -21.26 -24.74 12.09
CA LYS A 145 -22.37 -25.29 12.86
C LYS A 145 -22.89 -26.65 12.34
N SER A 146 -23.11 -26.79 11.03
CA SER A 146 -23.61 -28.03 10.46
C SER A 146 -22.80 -28.53 9.29
N GLU A 147 -21.47 -28.32 9.34
CA GLU A 147 -20.63 -28.72 8.25
C GLU A 147 -19.18 -28.89 8.67
N ALA A 148 -18.56 -29.97 8.19
CA ALA A 148 -17.14 -30.19 8.38
C ALA A 148 -16.45 -29.33 7.30
N SER A 149 -15.21 -28.95 7.53
CA SER A 149 -14.47 -28.16 6.56
C SER A 149 -12.97 -28.19 6.87
N GLY A 150 -12.15 -28.26 5.84
CA GLY A 150 -10.70 -28.16 5.95
C GLY A 150 -10.04 -28.97 7.05
N PHE A 151 -10.35 -30.26 7.04
CA PHE A 151 -9.82 -31.29 7.96
C PHE A 151 -10.39 -31.21 9.38
N CYS A 152 -11.34 -30.29 9.61
CA CYS A 152 -11.99 -30.02 10.90
C CYS A 152 -13.43 -30.51 10.90
N TYR A 153 -13.89 -31.17 12.00
CA TYR A 153 -15.26 -31.65 12.08
C TYR A 153 -16.01 -30.97 13.19
N VAL A 154 -15.38 -30.84 14.37
CA VAL A 154 -16.03 -30.18 15.51
C VAL A 154 -15.18 -28.98 15.86
N ASN A 155 -15.79 -27.80 15.99
CA ASN A 155 -15.05 -26.59 16.29
C ASN A 155 -14.80 -26.47 17.79
N ASP A 156 -13.70 -27.11 18.24
CA ASP A 156 -13.34 -27.08 19.67
C ASP A 156 -13.12 -25.66 20.16
N ILE A 157 -12.63 -24.76 19.27
CA ILE A 157 -12.35 -23.37 19.62
C ILE A 157 -13.63 -22.66 20.00
N VAL A 158 -14.68 -22.76 19.14
CA VAL A 158 -15.95 -22.10 19.45
C VAL A 158 -16.52 -22.62 20.78
N LEU A 159 -16.45 -23.93 20.97
CA LEU A 159 -16.96 -24.54 22.20
C LEU A 159 -16.18 -24.05 23.42
N ALA A 160 -14.85 -23.95 23.32
CA ALA A 160 -14.02 -23.45 24.41
C ALA A 160 -14.36 -21.97 24.70
N ILE A 161 -14.59 -21.19 23.63
CA ILE A 161 -14.91 -19.77 23.81
C ILE A 161 -16.25 -19.61 24.48
N LEU A 162 -17.24 -20.43 24.10
CA LEU A 162 -18.57 -20.40 24.73
C LEU A 162 -18.43 -20.70 26.25
N GLU A 163 -17.51 -21.59 26.61
CA GLU A 163 -17.26 -21.90 28.00
C GLU A 163 -16.67 -20.67 28.71
N LEU A 164 -15.65 -20.03 28.11
CA LEU A 164 -15.04 -18.84 28.69
C LEU A 164 -16.04 -17.70 28.83
N LEU A 165 -17.00 -17.58 27.90
CA LEU A 165 -18.03 -16.52 27.97
C LEU A 165 -18.94 -16.66 29.22
N LYS A 166 -18.92 -17.81 29.90
CA LYS A 166 -19.72 -17.98 31.12
C LYS A 166 -19.18 -17.08 32.24
N TYR A 167 -17.87 -16.78 32.24
CA TYR A 167 -17.22 -15.97 33.27
C TYR A 167 -16.48 -14.73 32.75
N HIS A 168 -16.36 -14.58 31.43
CA HIS A 168 -15.65 -13.46 30.84
C HIS A 168 -16.54 -12.68 29.90
N GLN A 169 -16.68 -11.36 30.12
CA GLN A 169 -17.54 -10.53 29.28
C GLN A 169 -16.99 -10.42 27.87
N ARG A 170 -15.67 -10.27 27.73
CA ARG A 170 -15.02 -10.14 26.43
C ARG A 170 -13.88 -11.12 26.29
N VAL A 171 -13.85 -11.85 25.17
CA VAL A 171 -12.80 -12.84 24.93
C VAL A 171 -12.13 -12.49 23.61
N LEU A 172 -10.80 -12.50 23.59
CA LEU A 172 -10.05 -12.20 22.37
C LEU A 172 -9.52 -13.52 21.78
N TYR A 173 -9.81 -13.76 20.52
CA TYR A 173 -9.33 -14.93 19.78
C TYR A 173 -8.26 -14.45 18.78
N ILE A 174 -7.06 -15.07 18.78
CA ILE A 174 -5.97 -14.69 17.85
C ILE A 174 -5.56 -15.95 17.09
N ASP A 175 -5.48 -15.87 15.77
CA ASP A 175 -5.20 -17.06 14.96
C ASP A 175 -3.99 -16.83 14.07
N ILE A 176 -2.89 -17.56 14.32
CA ILE A 176 -1.67 -17.43 13.52
C ILE A 176 -1.44 -18.63 12.56
N ASP A 177 -2.46 -19.47 12.36
CA ASP A 177 -2.44 -20.54 11.34
C ASP A 177 -2.32 -19.79 9.96
N ILE A 178 -1.70 -20.42 8.95
CA ILE A 178 -1.60 -19.75 7.64
C ILE A 178 -2.97 -19.59 6.99
N HIS A 179 -3.97 -20.43 7.36
CA HIS A 179 -5.32 -20.38 6.81
C HIS A 179 -6.20 -19.48 7.65
N HIS A 180 -7.13 -18.76 6.99
CA HIS A 180 -8.06 -17.90 7.70
C HIS A 180 -8.93 -18.71 8.68
N GLY A 181 -9.11 -18.18 9.91
CA GLY A 181 -9.94 -18.85 10.92
C GLY A 181 -11.42 -18.58 10.69
N ASP A 182 -11.96 -19.06 9.58
CA ASP A 182 -13.32 -18.80 9.17
C ASP A 182 -14.44 -19.34 10.06
N GLY A 183 -14.33 -20.55 10.59
CA GLY A 183 -15.40 -21.10 11.43
C GLY A 183 -15.58 -20.31 12.71
N VAL A 184 -14.46 -19.90 13.32
CA VAL A 184 -14.52 -19.09 14.54
C VAL A 184 -15.04 -17.68 14.25
N GLU A 185 -14.54 -17.05 13.16
CA GLU A 185 -15.01 -15.73 12.81
C GLU A 185 -16.52 -15.73 12.51
N GLU A 186 -17.00 -16.73 11.76
CA GLU A 186 -18.41 -16.86 11.40
C GLU A 186 -19.27 -17.06 12.64
N ALA A 187 -18.82 -17.92 13.59
CA ALA A 187 -19.61 -18.18 14.80
C ALA A 187 -19.90 -16.93 15.64
N PHE A 188 -18.96 -15.97 15.68
CA PHE A 188 -19.08 -14.78 16.50
C PHE A 188 -19.16 -13.46 15.69
N TYR A 189 -19.44 -13.56 14.40
CA TYR A 189 -19.49 -12.42 13.49
C TYR A 189 -20.42 -11.31 13.90
N THR A 190 -21.56 -11.63 14.55
CA THR A 190 -22.51 -10.57 14.92
C THR A 190 -22.52 -10.23 16.42
N THR A 191 -21.46 -10.60 17.16
CA THR A 191 -21.40 -10.24 18.57
C THR A 191 -20.13 -9.47 18.90
N ASP A 192 -20.20 -8.62 19.93
CA ASP A 192 -19.07 -7.87 20.43
C ASP A 192 -18.40 -8.55 21.64
N ARG A 193 -18.95 -9.69 22.11
CA ARG A 193 -18.39 -10.42 23.26
C ARG A 193 -17.13 -11.22 22.87
N VAL A 194 -16.85 -11.36 21.57
CA VAL A 194 -15.65 -12.03 21.10
C VAL A 194 -15.05 -11.17 19.99
N MET A 195 -13.75 -10.89 20.04
CA MET A 195 -13.10 -10.18 18.94
C MET A 195 -12.21 -11.26 18.29
N THR A 196 -12.33 -11.44 16.97
CA THR A 196 -11.52 -12.44 16.29
C THR A 196 -10.45 -11.75 15.46
N VAL A 197 -9.19 -12.16 15.60
CA VAL A 197 -8.08 -11.57 14.87
C VAL A 197 -7.33 -12.66 14.14
N SER A 198 -7.34 -12.62 12.81
CA SER A 198 -6.68 -13.66 12.03
C SER A 198 -5.63 -13.09 11.10
N PHE A 199 -4.42 -13.69 11.12
CA PHE A 199 -3.32 -13.31 10.24
C PHE A 199 -3.21 -14.51 9.32
N HIS A 200 -3.36 -14.30 7.98
CA HIS A 200 -3.35 -15.47 7.10
C HIS A 200 -2.98 -15.14 5.66
N LYS A 201 -2.61 -16.17 4.89
CA LYS A 201 -2.36 -15.97 3.45
C LYS A 201 -3.73 -15.76 2.81
N TYR A 202 -3.83 -14.75 1.94
CA TYR A 202 -5.09 -14.44 1.28
C TYR A 202 -4.82 -14.24 -0.20
N GLY A 203 -5.58 -14.93 -1.04
CA GLY A 203 -5.43 -14.88 -2.50
C GLY A 203 -5.13 -16.23 -3.10
N GLU A 204 -6.11 -16.82 -3.82
CA GLU A 204 -5.98 -18.14 -4.46
C GLU A 204 -5.55 -19.17 -3.39
N TYR A 205 -6.23 -19.14 -2.26
CA TYR A 205 -5.84 -19.99 -1.13
C TYR A 205 -7.03 -20.28 -0.25
N PHE A 206 -7.13 -21.53 0.21
CA PHE A 206 -8.22 -21.97 1.09
C PHE A 206 -8.22 -21.17 2.40
N PRO A 207 -9.40 -20.83 2.95
CA PRO A 207 -10.74 -21.10 2.44
C PRO A 207 -11.34 -20.02 1.53
N GLY A 208 -10.56 -19.02 1.13
CA GLY A 208 -11.07 -17.95 0.25
C GLY A 208 -11.67 -16.75 0.96
N THR A 209 -11.79 -16.81 2.28
CA THR A 209 -12.36 -15.74 3.10
C THR A 209 -11.23 -15.01 3.88
N GLY A 210 -11.58 -13.98 4.63
CA GLY A 210 -10.60 -13.24 5.42
C GLY A 210 -10.08 -12.02 4.71
N ASP A 211 -10.94 -11.36 3.91
CA ASP A 211 -10.51 -10.12 3.25
C ASP A 211 -10.38 -9.04 4.34
N LEU A 212 -9.47 -8.06 4.12
CA LEU A 212 -9.31 -7.06 5.18
CA LEU A 212 -9.24 -6.90 4.96
C LEU A 212 -10.58 -6.20 5.32
N ARG A 213 -11.52 -6.22 4.34
CA ARG A 213 -12.81 -5.54 4.41
C ARG A 213 -13.89 -6.32 5.18
N ASP A 214 -13.59 -7.56 5.61
CA ASP A 214 -14.52 -8.34 6.42
C ASP A 214 -14.22 -7.92 7.87
N ILE A 215 -15.09 -7.08 8.45
CA ILE A 215 -14.86 -6.53 9.77
C ILE A 215 -15.98 -6.83 10.77
N GLY A 216 -16.91 -7.71 10.43
CA GLY A 216 -18.02 -8.02 11.33
C GLY A 216 -19.32 -7.40 10.86
N ALA A 217 -20.43 -7.70 11.54
CA ALA A 217 -21.74 -7.16 11.15
C ALA A 217 -22.64 -6.92 12.37
N GLY A 218 -23.56 -5.96 12.27
CA GLY A 218 -24.46 -5.63 13.38
C GLY A 218 -23.71 -5.23 14.63
N LYS A 219 -24.02 -5.85 15.79
CA LYS A 219 -23.30 -5.57 17.04
C LYS A 219 -21.80 -5.98 16.95
N GLY A 220 -21.47 -6.88 16.02
CA GLY A 220 -20.11 -7.35 15.82
C GLY A 220 -19.29 -6.49 14.86
N LYS A 221 -19.86 -5.38 14.32
CA LYS A 221 -19.08 -4.52 13.39
C LYS A 221 -17.87 -3.95 14.11
N TYR A 222 -16.69 -4.13 13.51
CA TYR A 222 -15.36 -3.74 14.04
C TYR A 222 -14.78 -4.79 15.02
N TYR A 223 -15.48 -5.90 15.26
CA TYR A 223 -15.00 -6.93 16.18
C TYR A 223 -14.40 -8.16 15.47
N ALA A 224 -14.22 -8.07 14.15
CA ALA A 224 -13.56 -9.12 13.36
C ALA A 224 -12.41 -8.35 12.67
N VAL A 225 -11.19 -8.85 12.81
CA VAL A 225 -10.01 -8.21 12.25
C VAL A 225 -9.30 -9.24 11.38
N ASN A 226 -8.97 -8.86 10.13
CA ASN A 226 -8.28 -9.79 9.22
C ASN A 226 -7.06 -9.11 8.62
N PHE A 227 -5.91 -9.76 8.69
CA PHE A 227 -4.67 -9.26 8.12
C PHE A 227 -4.26 -10.20 6.96
N PRO A 228 -4.64 -9.84 5.73
CA PRO A 228 -4.30 -10.69 4.57
C PRO A 228 -2.86 -10.53 4.16
N MET A 229 -2.18 -11.65 3.94
CA MET A 229 -0.78 -11.67 3.57
C MET A 229 -0.53 -12.46 2.28
N ARG A 230 0.61 -12.23 1.67
CA ARG A 230 1.05 -12.90 0.46
C ARG A 230 2.12 -13.94 0.85
N ASP A 231 2.59 -14.73 -0.12
CA ASP A 231 3.64 -15.72 0.13
C ASP A 231 4.92 -15.15 0.69
N GLY A 232 5.67 -15.99 1.41
CA GLY A 232 7.00 -15.68 1.88
C GLY A 232 7.24 -14.77 3.05
N ILE A 233 6.20 -14.48 3.86
CA ILE A 233 6.41 -13.64 5.05
C ILE A 233 7.47 -14.22 5.98
N ASP A 234 8.36 -13.39 6.51
CA ASP A 234 9.43 -13.83 7.36
C ASP A 234 9.30 -13.30 8.80
N ASP A 235 10.20 -13.72 9.71
CA ASP A 235 10.15 -13.31 11.12
C ASP A 235 10.13 -11.80 11.30
N GLU A 236 11.01 -11.10 10.59
CA GLU A 236 11.15 -9.65 10.67
C GLU A 236 9.82 -8.96 10.34
N SER A 237 9.23 -9.28 9.19
CA SER A 237 7.96 -8.70 8.72
C SER A 237 6.79 -9.03 9.64
N TYR A 238 6.69 -10.31 10.05
CA TYR A 238 5.58 -10.74 10.90
C TYR A 238 5.67 -10.04 12.27
N GLY A 239 6.87 -10.01 12.85
CA GLY A 239 7.09 -9.40 14.15
C GLY A 239 6.76 -7.91 14.21
N GLN A 240 7.02 -7.21 13.10
CA GLN A 240 6.80 -5.78 12.83
C GLN A 240 5.30 -5.40 12.89
N ILE A 241 4.39 -6.35 12.58
CA ILE A 241 2.98 -6.03 12.63
C ILE A 241 2.24 -6.73 13.75
N PHE A 242 2.72 -7.89 14.22
CA PHE A 242 1.97 -8.63 15.23
C PHE A 242 1.85 -7.89 16.57
N LYS A 243 2.97 -7.53 17.17
CA LYS A 243 2.96 -6.82 18.45
C LYS A 243 2.17 -5.49 18.36
N PRO A 244 2.40 -4.59 17.37
CA PRO A 244 1.59 -3.35 17.32
C PRO A 244 0.08 -3.60 17.18
N ILE A 245 -0.31 -4.60 16.34
CA ILE A 245 -1.76 -4.88 16.19
C ILE A 245 -2.34 -5.44 17.49
N ILE A 246 -1.68 -6.45 18.07
CA ILE A 246 -2.17 -7.04 19.31
C ILE A 246 -2.18 -6.01 20.45
N SER A 247 -1.16 -5.15 20.53
CA SER A 247 -1.14 -4.11 21.57
C SER A 247 -2.34 -3.15 21.42
N LYS A 248 -2.68 -2.76 20.18
CA LYS A 248 -3.82 -1.87 19.93
C LYS A 248 -5.14 -2.55 20.25
N VAL A 249 -5.25 -3.85 19.86
CA VAL A 249 -6.45 -4.61 20.16
C VAL A 249 -6.60 -4.73 21.70
N MET A 250 -5.51 -5.03 22.43
CA MET A 250 -5.60 -5.15 23.90
C MET A 250 -6.06 -3.81 24.51
N GLU A 251 -5.47 -2.72 24.03
CA GLU A 251 -5.80 -1.38 24.53
C GLU A 251 -7.26 -1.00 24.32
N MET A 252 -7.78 -1.20 23.10
CA MET A 252 -9.15 -0.84 22.77
C MET A 252 -10.22 -1.80 23.26
N TYR A 253 -9.99 -3.11 23.13
CA TYR A 253 -10.98 -4.12 23.46
C TYR A 253 -10.97 -4.56 24.92
N GLN A 254 -9.82 -4.53 25.58
CA GLN A 254 -9.68 -4.89 26.99
C GLN A 254 -10.30 -6.26 27.32
N PRO A 255 -9.85 -7.33 26.64
CA PRO A 255 -10.43 -8.65 26.90
C PRO A 255 -10.05 -9.17 28.28
N SER A 256 -10.85 -10.07 28.88
CA SER A 256 -10.46 -10.66 30.17
C SER A 256 -9.89 -12.08 30.02
N ALA A 257 -9.95 -12.66 28.80
CA ALA A 257 -9.38 -13.98 28.51
C ALA A 257 -8.99 -13.99 27.03
N VAL A 258 -7.99 -14.81 26.71
CA VAL A 258 -7.49 -14.91 25.34
C VAL A 258 -7.38 -16.37 24.91
N VAL A 259 -7.66 -16.64 23.63
CA VAL A 259 -7.50 -17.95 23.05
C VAL A 259 -6.56 -17.71 21.87
N LEU A 260 -5.46 -18.44 21.81
CA LEU A 260 -4.49 -18.30 20.74
C LEU A 260 -4.34 -19.61 19.97
N GLN A 261 -4.73 -19.58 18.70
CA GLN A 261 -4.61 -20.73 17.78
C GLN A 261 -3.21 -20.64 17.18
N CYS A 262 -2.36 -21.65 17.46
CA CYS A 262 -0.95 -21.69 17.08
C CYS A 262 -0.63 -22.57 15.92
N GLY A 263 -1.50 -22.60 14.92
CA GLY A 263 -1.27 -23.40 13.72
C GLY A 263 0.14 -23.24 13.17
N ALA A 264 0.87 -24.35 13.06
CA ALA A 264 2.27 -24.35 12.64
C ALA A 264 2.51 -24.44 11.14
N ASP A 265 1.44 -24.36 10.35
CA ASP A 265 1.59 -24.37 8.89
C ASP A 265 2.08 -23.00 8.32
N SER A 266 2.23 -21.99 9.20
CA SER A 266 2.81 -20.70 8.84
C SER A 266 4.36 -20.78 8.93
N LEU A 267 4.95 -21.98 9.26
CA LEU A 267 6.41 -22.11 9.32
C LEU A 267 6.97 -22.37 7.92
N SER A 268 8.23 -21.97 7.72
CA SER A 268 9.02 -22.24 6.52
C SER A 268 9.04 -23.77 6.27
N GLY A 269 8.94 -24.16 5.00
CA GLY A 269 8.99 -25.57 4.63
C GLY A 269 7.75 -26.41 4.88
N ASP A 270 6.62 -25.77 5.25
CA ASP A 270 5.39 -26.54 5.47
C ASP A 270 4.91 -27.13 4.15
N ARG A 271 4.40 -28.36 4.19
CA ARG A 271 3.88 -29.05 3.01
C ARG A 271 2.74 -28.32 2.30
N LEU A 272 1.87 -27.64 3.06
CA LEU A 272 0.74 -26.93 2.47
CA LEU A 272 0.71 -26.92 2.51
C LEU A 272 0.88 -25.40 2.51
N GLY A 273 1.69 -24.89 3.42
CA GLY A 273 1.89 -23.45 3.55
C GLY A 273 2.99 -22.87 2.69
N CYS A 274 2.95 -21.56 2.51
CA CYS A 274 3.94 -20.86 1.71
C CYS A 274 4.49 -19.64 2.45
N PHE A 275 4.58 -19.68 3.79
CA PHE A 275 5.18 -18.62 4.58
C PHE A 275 6.63 -19.06 4.90
N ASN A 276 7.42 -18.18 5.52
CA ASN A 276 8.81 -18.43 5.79
C ASN A 276 9.22 -18.10 7.21
N LEU A 277 8.33 -18.37 8.18
CA LEU A 277 8.66 -18.10 9.57
C LEU A 277 9.52 -19.21 10.13
N THR A 278 10.34 -18.87 11.11
CA THR A 278 11.10 -19.88 11.84
C THR A 278 10.28 -20.21 13.12
N VAL A 279 10.71 -21.22 13.91
CA VAL A 279 10.03 -21.55 15.17
C VAL A 279 10.15 -20.33 16.12
N LYS A 280 11.30 -19.64 16.14
CA LYS A 280 11.46 -18.45 16.99
C LYS A 280 10.47 -17.34 16.60
N GLY A 281 10.30 -17.13 15.30
CA GLY A 281 9.40 -16.10 14.80
C GLY A 281 7.95 -16.40 15.12
N HIS A 282 7.58 -17.68 15.01
CA HIS A 282 6.23 -18.13 15.30
C HIS A 282 6.01 -17.99 16.84
N ALA A 283 6.99 -18.43 17.64
CA ALA A 283 6.91 -18.39 19.12
C ALA A 283 6.90 -16.98 19.67
N LYS A 284 7.44 -16.00 18.91
CA LYS A 284 7.41 -14.59 19.35
C LYS A 284 5.92 -14.16 19.54
N CYS A 285 4.98 -14.74 18.76
CA CYS A 285 3.56 -14.44 18.95
C CYS A 285 3.07 -14.89 20.30
N VAL A 286 3.51 -16.08 20.76
CA VAL A 286 3.14 -16.57 22.07
C VAL A 286 3.72 -15.65 23.14
N GLU A 287 5.00 -15.26 23.00
CA GLU A 287 5.65 -14.35 23.97
C GLU A 287 4.88 -13.03 24.06
N VAL A 288 4.48 -12.48 22.90
CA VAL A 288 3.74 -11.21 22.87
C VAL A 288 2.42 -11.32 23.62
N VAL A 289 1.65 -12.37 23.37
CA VAL A 289 0.36 -12.55 24.02
C VAL A 289 0.53 -12.78 25.53
N LYS A 290 1.51 -13.61 25.89
CA LYS A 290 1.78 -13.94 27.29
C LYS A 290 2.12 -12.73 28.14
N THR A 291 2.76 -11.73 27.53
CA THR A 291 3.17 -10.52 28.22
C THR A 291 1.98 -9.73 28.83
N PHE A 292 0.75 -9.83 28.23
CA PHE A 292 -0.44 -9.13 28.74
C PHE A 292 -1.00 -9.70 30.04
N ASN A 293 -0.47 -10.85 30.51
CA ASN A 293 -0.87 -11.45 31.78
C ASN A 293 -2.38 -11.73 31.92
N LEU A 294 -3.03 -12.22 30.86
CA LEU A 294 -4.45 -12.57 30.92
C LEU A 294 -4.60 -14.09 30.85
N PRO A 295 -5.70 -14.66 31.39
CA PRO A 295 -5.93 -16.12 31.26
C PRO A 295 -5.82 -16.51 29.77
N LEU A 296 -5.02 -17.52 29.44
CA LEU A 296 -4.75 -17.86 28.04
C LEU A 296 -4.88 -19.34 27.71
N LEU A 297 -5.65 -19.64 26.66
CA LEU A 297 -5.84 -21.01 26.18
C LEU A 297 -5.04 -21.08 24.88
N MET A 298 -3.99 -21.91 24.84
CA MET A 298 -3.15 -22.07 23.65
C MET A 298 -3.55 -23.38 22.97
N LEU A 299 -3.85 -23.29 21.67
CA LEU A 299 -4.31 -24.42 20.89
C LEU A 299 -3.45 -24.72 19.68
N GLY A 300 -3.58 -25.93 19.14
CA GLY A 300 -2.84 -26.33 17.96
C GLY A 300 -3.56 -25.85 16.71
N GLY A 301 -3.51 -26.65 15.67
CA GLY A 301 -4.16 -26.28 14.41
C GLY A 301 -3.45 -26.96 13.27
N GLY A 302 -3.19 -26.23 12.21
CA GLY A 302 -2.49 -26.81 11.06
C GLY A 302 -1.02 -27.10 11.35
N GLY A 303 -0.35 -27.67 10.38
CA GLY A 303 1.06 -28.01 10.50
C GLY A 303 1.20 -29.36 9.80
N TYR A 304 1.88 -29.36 8.64
CA TYR A 304 1.93 -30.53 7.74
C TYR A 304 3.34 -31.07 7.42
N THR A 305 4.43 -30.46 7.96
CA THR A 305 5.82 -31.00 7.89
C THR A 305 5.98 -31.35 9.37
N ILE A 306 5.63 -32.59 9.73
CA ILE A 306 5.44 -32.95 11.13
C ILE A 306 6.65 -32.81 12.02
N ARG A 307 7.91 -32.96 11.52
CA ARG A 307 9.07 -32.73 12.42
C ARG A 307 9.08 -31.25 12.88
N ASN A 308 8.67 -30.30 11.99
CA ASN A 308 8.66 -28.90 12.33
C ASN A 308 7.53 -28.55 13.26
N VAL A 309 6.39 -29.24 13.15
CA VAL A 309 5.26 -29.01 14.05
C VAL A 309 5.69 -29.42 15.47
N ALA A 310 6.35 -30.59 15.60
CA ALA A 310 6.81 -31.05 16.93
C ALA A 310 7.82 -30.05 17.52
N ARG A 311 8.72 -29.53 16.69
CA ARG A 311 9.71 -28.54 17.16
C ARG A 311 8.99 -27.28 17.65
N CYS A 312 8.03 -26.81 16.84
CA CYS A 312 7.30 -25.57 17.09
C CYS A 312 6.51 -25.62 18.39
N TRP A 313 5.69 -26.66 18.55
CA TRP A 313 4.86 -26.76 19.74
C TRP A 313 5.67 -27.12 20.97
N THR A 314 6.80 -27.82 20.82
CA THR A 314 7.66 -28.10 21.98
C THR A 314 8.24 -26.75 22.48
N TYR A 315 8.73 -25.93 21.53
CA TYR A 315 9.31 -24.64 21.88
C TYR A 315 8.26 -23.69 22.46
N GLU A 316 7.05 -23.71 21.93
CA GLU A 316 5.97 -22.85 22.46
C GLU A 316 5.51 -23.28 23.85
N THR A 317 5.62 -24.59 24.17
CA THR A 317 5.28 -25.06 25.51
C THR A 317 6.40 -24.51 26.45
N ALA A 318 7.68 -24.56 26.02
CA ALA A 318 8.80 -24.04 26.82
C ALA A 318 8.61 -22.55 27.07
N VAL A 319 8.15 -21.81 26.04
CA VAL A 319 7.86 -20.37 26.15
C VAL A 319 6.78 -20.14 27.20
N ALA A 320 5.68 -20.91 27.15
CA ALA A 320 4.58 -20.79 28.14
C ALA A 320 5.13 -20.96 29.57
N LEU A 321 6.04 -21.91 29.75
CA LEU A 321 6.65 -22.22 31.05
C LEU A 321 7.80 -21.31 31.45
N ASP A 322 8.26 -20.42 30.55
CA ASP A 322 9.42 -19.56 30.81
C ASP A 322 10.66 -20.45 31.08
N CYS A 323 10.76 -21.58 30.36
CA CYS A 323 11.87 -22.50 30.53
CA CYS A 323 11.85 -22.55 30.52
C CYS A 323 12.76 -22.47 29.30
N GLU A 324 14.05 -22.28 29.50
CA GLU A 324 14.98 -22.24 28.40
C GLU A 324 15.34 -23.69 28.10
N ILE A 325 15.36 -24.06 26.82
CA ILE A 325 15.72 -25.43 26.43
C ILE A 325 16.80 -25.37 25.37
N PRO A 326 17.75 -26.31 25.40
CA PRO A 326 18.85 -26.29 24.42
C PRO A 326 18.43 -26.57 22.97
N ASN A 327 19.22 -26.06 22.02
CA ASN A 327 18.96 -26.28 20.61
C ASN A 327 19.24 -27.74 20.22
N GLU A 328 20.17 -28.40 20.91
CA GLU A 328 20.47 -29.82 20.65
C GLU A 328 19.27 -30.66 21.10
N LEU A 329 18.65 -31.41 20.18
CA LEU A 329 17.48 -32.22 20.56
C LEU A 329 17.88 -33.38 21.44
N PRO A 330 17.11 -33.64 22.50
CA PRO A 330 17.41 -34.81 23.32
C PRO A 330 17.00 -36.06 22.54
N TYR A 331 17.55 -37.23 22.90
CA TYR A 331 17.15 -38.48 22.26
C TYR A 331 15.64 -38.69 22.54
N ASN A 332 14.89 -39.21 21.59
CA ASN A 332 13.45 -39.40 21.75
C ASN A 332 12.98 -40.53 20.83
N ASP A 333 11.72 -40.95 20.98
CA ASP A 333 11.17 -42.06 20.20
C ASP A 333 11.12 -41.82 18.69
N TYR A 334 11.22 -40.56 18.27
CA TYR A 334 11.14 -40.19 16.86
C TYR A 334 12.37 -39.44 16.43
N PHE A 335 13.52 -39.68 17.10
CA PHE A 335 14.79 -38.99 16.84
C PHE A 335 15.15 -38.90 15.35
N GLU A 336 15.02 -40.02 14.63
CA GLU A 336 15.34 -40.07 13.21
C GLU A 336 14.52 -39.10 12.33
N TYR A 337 13.32 -38.68 12.79
CA TYR A 337 12.52 -37.74 12.01
C TYR A 337 13.15 -36.33 11.98
N PHE A 338 14.08 -36.03 12.92
CA PHE A 338 14.69 -34.71 13.06
C PHE A 338 16.04 -34.54 12.39
N GLY A 339 16.46 -35.54 11.62
CA GLY A 339 17.70 -35.43 10.87
C GLY A 339 17.54 -34.43 9.72
N PRO A 340 18.64 -34.05 9.06
CA PRO A 340 20.03 -34.46 9.31
C PRO A 340 20.73 -33.69 10.44
N ASP A 341 20.11 -32.63 10.96
CA ASP A 341 20.67 -31.75 11.96
C ASP A 341 20.42 -32.11 13.43
N PHE A 342 19.25 -32.67 13.75
CA PHE A 342 18.87 -33.04 15.11
C PHE A 342 18.91 -31.82 16.05
N LYS A 343 18.46 -30.65 15.52
CA LYS A 343 18.38 -29.39 16.26
C LYS A 343 16.92 -28.98 16.38
N LEU A 344 16.59 -28.17 17.37
CA LEU A 344 15.23 -27.71 17.62
C LEU A 344 14.83 -26.60 16.66
N HIS A 345 15.74 -25.64 16.45
CA HIS A 345 15.42 -24.48 15.63
C HIS A 345 15.67 -24.72 14.16
N ILE A 346 14.88 -24.03 13.34
CA ILE A 346 14.92 -24.17 11.89
C ILE A 346 15.38 -22.89 11.23
N SER A 347 15.88 -23.02 10.02
CA SER A 347 16.37 -21.92 9.20
C SER A 347 15.32 -21.55 8.19
N PRO A 348 15.16 -20.24 7.90
CA PRO A 348 14.22 -19.87 6.84
C PRO A 348 14.83 -20.21 5.47
N SER A 349 13.98 -20.35 4.48
CA SER A 349 14.41 -20.65 3.12
C SER A 349 14.81 -19.35 2.36
N ASN A 350 15.22 -19.48 1.10
CA ASN A 350 15.56 -18.32 0.27
C ASN A 350 14.36 -17.75 -0.48
N MET A 351 13.11 -18.21 -0.18
CA MET A 351 11.94 -17.72 -0.90
C MET A 351 11.76 -16.20 -0.76
N THR A 352 11.26 -15.58 -1.83
CA THR A 352 11.05 -14.15 -1.83
C THR A 352 9.87 -13.81 -0.94
N ASN A 353 10.00 -12.74 -0.17
CA ASN A 353 8.91 -12.26 0.65
C ASN A 353 8.10 -11.30 -0.21
N GLN A 354 6.91 -11.72 -0.63
CA GLN A 354 6.06 -10.88 -1.46
CA GLN A 354 6.05 -10.89 -1.47
C GLN A 354 5.37 -9.74 -0.69
N ASN A 355 5.44 -9.77 0.65
CA ASN A 355 4.87 -8.76 1.52
C ASN A 355 5.90 -7.66 1.72
N THR A 356 5.86 -6.64 0.85
CA THR A 356 6.82 -5.56 0.98
C THR A 356 6.62 -4.81 2.30
N PRO A 357 7.64 -4.14 2.83
CA PRO A 357 7.47 -3.36 4.07
C PRO A 357 6.35 -2.31 3.93
N GLU A 358 6.17 -1.74 2.71
CA GLU A 358 5.11 -0.74 2.47
C GLU A 358 3.73 -1.37 2.53
N TYR A 359 3.61 -2.61 1.99
CA TYR A 359 2.33 -3.32 2.04
C TYR A 359 1.98 -3.61 3.50
N MET A 360 2.97 -4.10 4.27
CA MET A 360 2.73 -4.43 5.69
C MET A 360 2.26 -3.20 6.49
N GLU A 361 2.91 -2.07 6.27
CA GLU A 361 2.53 -0.83 6.97
C GLU A 361 1.18 -0.34 6.55
N LYS A 362 0.86 -0.44 5.24
CA LYS A 362 -0.43 0.03 4.73
C LYS A 362 -1.57 -0.77 5.30
N ILE A 363 -1.43 -2.12 5.33
CA ILE A 363 -2.50 -2.96 5.89
C ILE A 363 -2.64 -2.68 7.39
N LYS A 364 -1.53 -2.53 8.10
CA LYS A 364 -1.55 -2.23 9.54
C LYS A 364 -2.30 -0.90 9.79
N GLN A 365 -2.04 0.11 8.96
CA GLN A 365 -2.71 1.40 9.11
C GLN A 365 -4.22 1.30 8.85
N ARG A 366 -4.65 0.47 7.87
CA ARG A 366 -6.08 0.29 7.61
C ARG A 366 -6.75 -0.41 8.82
N LEU A 367 -6.06 -1.38 9.44
CA LEU A 367 -6.60 -2.07 10.62
C LEU A 367 -6.66 -1.12 11.81
N PHE A 368 -5.66 -0.25 11.96
CA PHE A 368 -5.66 0.76 13.02
C PHE A 368 -6.87 1.70 12.86
N GLU A 369 -7.25 2.07 11.61
CA GLU A 369 -8.43 2.93 11.37
CA GLU A 369 -8.41 2.94 11.40
C GLU A 369 -9.69 2.23 11.89
N ASN A 370 -9.79 0.91 11.64
CA ASN A 370 -10.96 0.15 12.09
C ASN A 370 -10.99 0.04 13.59
N LEU A 371 -9.84 -0.16 14.23
CA LEU A 371 -9.74 -0.26 15.68
C LEU A 371 -10.09 1.08 16.37
N ARG A 372 -9.93 2.22 15.67
CA ARG A 372 -10.33 3.52 16.24
C ARG A 372 -11.86 3.60 16.38
N MET A 373 -12.61 2.77 15.65
CA MET A 373 -14.07 2.74 15.68
C MET A 373 -14.67 1.99 16.86
N LEU A 374 -13.85 1.35 17.70
CA LEU A 374 -14.37 0.65 18.89
C LEU A 374 -14.74 1.68 20.00
N PRO A 375 -15.69 1.35 20.91
CA PRO A 375 -16.07 2.32 21.95
C PRO A 375 -15.05 2.49 23.07
N LYS B 10 -24.14 7.68 -21.41
CA LYS B 10 -23.50 6.90 -22.48
C LYS B 10 -23.13 5.48 -22.03
N LYS B 11 -23.66 4.49 -22.74
CA LYS B 11 -23.48 3.07 -22.48
C LYS B 11 -22.06 2.58 -22.82
N VAL B 12 -21.45 1.81 -21.91
CA VAL B 12 -20.12 1.29 -22.13
C VAL B 12 -20.08 -0.25 -22.08
N CYS B 13 -19.53 -0.88 -23.11
CA CYS B 13 -19.37 -2.33 -23.09
C CYS B 13 -17.86 -2.63 -23.02
N TYR B 14 -17.48 -3.66 -22.31
CA TYR B 14 -16.08 -3.93 -22.03
C TYR B 14 -15.82 -5.42 -22.18
N TYR B 15 -14.74 -5.76 -22.88
CA TYR B 15 -14.39 -7.14 -23.17
C TYR B 15 -13.23 -7.61 -22.37
N TYR B 16 -13.38 -8.81 -21.79
CA TYR B 16 -12.35 -9.42 -20.98
C TYR B 16 -12.49 -10.92 -20.88
N ASP B 17 -11.39 -11.67 -21.10
CA ASP B 17 -11.41 -13.11 -20.92
C ASP B 17 -10.43 -13.39 -19.78
N GLY B 18 -10.88 -14.11 -18.75
CA GLY B 18 -10.04 -14.46 -17.62
C GLY B 18 -8.77 -15.24 -17.90
N ASP B 19 -8.65 -15.87 -19.10
CA ASP B 19 -7.43 -16.61 -19.42
C ASP B 19 -6.32 -15.65 -19.93
N ILE B 20 -6.69 -14.42 -20.37
CA ILE B 20 -5.76 -13.48 -20.99
C ILE B 20 -4.49 -13.23 -20.19
N GLY B 21 -4.57 -13.09 -18.87
CA GLY B 21 -3.41 -12.82 -18.02
C GLY B 21 -2.44 -13.96 -17.88
N ASN B 22 -2.84 -15.17 -18.29
CA ASN B 22 -1.97 -16.35 -18.16
C ASN B 22 -1.03 -16.57 -19.34
N TYR B 23 -1.22 -15.86 -20.46
CA TYR B 23 -0.32 -16.02 -21.61
C TYR B 23 0.99 -15.37 -21.24
N TYR B 24 2.09 -16.03 -21.55
CA TYR B 24 3.39 -15.54 -21.12
C TYR B 24 4.36 -15.50 -22.26
N TYR B 25 4.89 -14.30 -22.55
CA TYR B 25 5.85 -14.11 -23.64
C TYR B 25 7.23 -14.71 -23.36
N GLY B 26 7.51 -15.04 -22.11
CA GLY B 26 8.81 -15.61 -21.77
C GLY B 26 9.62 -14.74 -20.84
N GLN B 27 10.60 -15.35 -20.17
CA GLN B 27 11.44 -14.66 -19.22
C GLN B 27 12.19 -13.50 -19.83
N GLY B 28 12.05 -12.34 -19.21
CA GLY B 28 12.72 -11.13 -19.65
C GLY B 28 11.95 -10.32 -20.68
N HIS B 29 10.89 -10.90 -21.30
CA HIS B 29 10.14 -10.18 -22.32
C HIS B 29 9.30 -9.08 -21.68
N PRO B 30 9.39 -7.83 -22.17
CA PRO B 30 8.64 -6.74 -21.52
C PRO B 30 7.12 -6.80 -21.64
N MET B 31 6.58 -7.49 -22.65
CA MET B 31 5.11 -7.53 -22.80
C MET B 31 4.54 -8.53 -21.82
N LYS B 32 3.67 -8.05 -20.94
CA LYS B 32 3.10 -8.89 -19.89
C LYS B 32 1.57 -8.86 -19.87
N PRO B 33 0.93 -9.88 -20.49
CA PRO B 33 -0.55 -9.93 -20.50
C PRO B 33 -1.20 -9.85 -19.12
N HIS B 34 -0.47 -10.22 -18.05
CA HIS B 34 -0.94 -10.13 -16.67
C HIS B 34 -1.39 -8.69 -16.33
N ARG B 35 -0.84 -7.64 -17.01
CA ARG B 35 -1.28 -6.26 -16.75
C ARG B 35 -2.77 -6.09 -17.06
N ILE B 36 -3.33 -6.88 -18.00
CA ILE B 36 -4.75 -6.77 -18.34
C ILE B 36 -5.61 -7.31 -17.16
N ARG B 37 -5.15 -8.39 -16.54
CA ARG B 37 -5.82 -8.95 -15.36
C ARG B 37 -5.71 -7.98 -14.17
N MET B 38 -4.54 -7.33 -14.01
CA MET B 38 -4.37 -6.35 -12.92
C MET B 38 -5.37 -5.20 -13.11
N THR B 39 -5.53 -4.73 -14.38
CA THR B 39 -6.48 -3.65 -14.68
C THR B 39 -7.90 -4.11 -14.33
N HIS B 40 -8.27 -5.33 -14.77
CA HIS B 40 -9.60 -5.90 -14.52
C HIS B 40 -9.90 -5.96 -13.03
N ASN B 41 -8.93 -6.44 -12.26
CA ASN B 41 -9.16 -6.61 -10.82
C ASN B 41 -9.24 -5.27 -10.10
N LEU B 42 -8.45 -4.29 -10.54
CA LEU B 42 -8.49 -2.97 -9.94
C LEU B 42 -9.88 -2.33 -10.22
N LEU B 43 -10.39 -2.41 -11.46
N LEU B 43 -10.39 -2.48 -11.45
CA LEU B 43 -11.70 -1.80 -11.76
CA LEU B 43 -11.70 -1.98 -11.85
C LEU B 43 -12.85 -2.56 -11.03
C LEU B 43 -12.79 -2.57 -11.00
N LEU B 44 -12.72 -3.89 -10.76
CA LEU B 44 -13.72 -4.62 -9.95
C LEU B 44 -13.74 -4.02 -8.54
N ASN B 45 -12.55 -3.84 -7.94
CA ASN B 45 -12.44 -3.37 -6.58
C ASN B 45 -12.82 -1.89 -6.40
N TYR B 46 -12.80 -1.12 -7.49
CA TYR B 46 -13.29 0.26 -7.44
C TYR B 46 -14.84 0.30 -7.60
N GLY B 47 -15.48 -0.84 -7.88
CA GLY B 47 -16.93 -0.90 -8.06
C GLY B 47 -17.39 -0.50 -9.45
N LEU B 48 -16.47 -0.41 -10.42
CA LEU B 48 -16.77 0.06 -11.75
C LEU B 48 -17.56 -0.93 -12.63
N TYR B 49 -17.73 -2.19 -12.21
CA TYR B 49 -18.53 -3.14 -13.03
C TYR B 49 -20.02 -2.78 -13.01
N ARG B 50 -20.48 -2.12 -11.94
CA ARG B 50 -21.89 -1.78 -11.78
C ARG B 50 -22.51 -1.02 -12.96
N LYS B 51 -21.74 -0.11 -13.57
CA LYS B 51 -22.30 0.69 -14.65
C LYS B 51 -21.88 0.29 -16.04
N MET B 52 -21.19 -0.87 -16.22
CA MET B 52 -20.83 -1.23 -17.59
CA MET B 52 -20.71 -1.30 -17.53
C MET B 52 -21.21 -2.70 -17.90
N GLU B 53 -21.35 -3.00 -19.19
CA GLU B 53 -21.74 -4.33 -19.63
C GLU B 53 -20.42 -5.04 -19.87
N ILE B 54 -20.19 -6.12 -19.14
CA ILE B 54 -18.95 -6.86 -19.28
C ILE B 54 -19.20 -8.13 -20.03
N TYR B 55 -18.43 -8.35 -21.11
CA TYR B 55 -18.55 -9.55 -21.92
C TYR B 55 -17.25 -10.30 -22.03
N ARG B 56 -17.34 -11.61 -22.24
CA ARG B 56 -16.19 -12.44 -22.51
C ARG B 56 -16.16 -12.48 -24.04
N PRO B 57 -15.02 -12.12 -24.66
CA PRO B 57 -14.96 -12.15 -26.12
C PRO B 57 -14.98 -13.57 -26.68
N HIS B 58 -15.43 -13.72 -27.94
CA HIS B 58 -15.35 -15.02 -28.59
C HIS B 58 -13.87 -15.15 -29.06
N LYS B 59 -13.45 -16.35 -29.44
CA LYS B 59 -12.13 -16.55 -30.01
C LYS B 59 -12.31 -16.26 -31.50
N ALA B 60 -11.71 -15.18 -32.01
CA ALA B 60 -11.84 -14.83 -33.42
C ALA B 60 -11.33 -15.99 -34.33
N THR B 61 -12.08 -16.31 -35.36
CA THR B 61 -11.72 -17.41 -36.25
C THR B 61 -10.64 -17.02 -37.26
N ALA B 62 -10.00 -18.03 -37.90
CA ALA B 62 -9.02 -17.79 -38.97
C ALA B 62 -9.70 -17.01 -40.11
N GLU B 63 -10.99 -17.28 -40.37
CA GLU B 63 -11.81 -16.61 -41.39
C GLU B 63 -11.96 -15.12 -41.07
N GLU B 64 -12.19 -14.79 -39.79
CA GLU B 64 -12.28 -13.39 -39.37
C GLU B 64 -10.90 -12.72 -39.56
N MET B 65 -9.82 -13.42 -39.18
CA MET B 65 -8.46 -12.84 -39.30
C MET B 65 -7.98 -12.64 -40.72
N THR B 66 -8.40 -13.53 -41.64
CA THR B 66 -7.97 -13.39 -43.04
C THR B 66 -8.74 -12.29 -43.80
N LYS B 67 -9.63 -11.55 -43.13
CA LYS B 67 -10.26 -10.38 -43.75
C LYS B 67 -9.15 -9.31 -44.03
N TYR B 68 -8.00 -9.41 -43.33
CA TYR B 68 -6.84 -8.58 -43.53
C TYR B 68 -5.58 -9.44 -43.77
N HIS B 69 -5.23 -10.32 -42.82
CA HIS B 69 -4.01 -11.11 -42.92
C HIS B 69 -4.05 -12.17 -44.02
N SER B 70 -2.88 -12.57 -44.51
CA SER B 70 -2.82 -13.62 -45.53
C SER B 70 -3.16 -14.98 -44.92
N ASP B 71 -3.77 -15.85 -45.74
CA ASP B 71 -4.15 -17.19 -45.30
C ASP B 71 -2.94 -17.98 -44.84
N GLU B 72 -1.79 -17.80 -45.50
CA GLU B 72 -0.55 -18.49 -45.17
C GLU B 72 -0.02 -18.07 -43.78
N TYR B 73 -0.05 -16.77 -43.49
CA TYR B 73 0.44 -16.25 -42.20
C TYR B 73 -0.46 -16.75 -41.06
N ILE B 74 -1.77 -16.70 -41.24
CA ILE B 74 -2.71 -17.17 -40.22
C ILE B 74 -2.59 -18.67 -39.98
N LYS B 75 -2.38 -19.44 -41.07
CA LYS B 75 -2.18 -20.89 -40.96
C LYS B 75 -0.92 -21.18 -40.13
N PHE B 76 0.14 -20.39 -40.35
CA PHE B 76 1.38 -20.48 -39.59
C PHE B 76 1.13 -20.20 -38.07
N LEU B 77 0.45 -19.10 -37.73
CA LEU B 77 0.18 -18.78 -36.32
C LEU B 77 -0.67 -19.88 -35.65
N ARG B 78 -1.60 -20.48 -36.42
CA ARG B 78 -2.48 -21.54 -35.90
C ARG B 78 -1.74 -22.88 -35.72
N SER B 79 -0.58 -23.06 -36.38
CA SER B 79 0.19 -24.30 -36.33
C SER B 79 1.42 -24.29 -35.45
N ILE B 80 2.11 -23.13 -35.35
CA ILE B 80 3.36 -23.00 -34.62
C ILE B 80 3.22 -23.17 -33.10
N ARG B 81 4.12 -23.96 -32.50
CA ARG B 81 4.15 -24.25 -31.07
C ARG B 81 5.60 -24.38 -30.61
N PRO B 82 5.90 -24.17 -29.32
CA PRO B 82 7.29 -24.35 -28.85
C PRO B 82 7.84 -25.76 -29.15
N ASP B 83 6.98 -26.79 -29.16
CA ASP B 83 7.42 -28.17 -29.39
C ASP B 83 7.63 -28.55 -30.87
N ASN B 84 7.19 -27.71 -31.83
CA ASN B 84 7.39 -28.02 -33.25
C ASN B 84 8.22 -26.95 -34.01
N MET B 85 8.73 -25.92 -33.29
CA MET B 85 9.52 -24.81 -33.79
C MET B 85 10.66 -25.22 -34.70
N SER B 86 11.34 -26.33 -34.39
CA SER B 86 12.46 -26.82 -35.20
C SER B 86 12.06 -27.18 -36.64
N GLU B 87 10.76 -27.42 -36.90
CA GLU B 87 10.28 -27.74 -38.25
C GLU B 87 9.80 -26.51 -39.04
N TYR B 88 9.80 -25.31 -38.41
CA TYR B 88 9.29 -24.11 -39.04
C TYR B 88 10.32 -22.98 -39.15
N SER B 89 11.62 -23.29 -39.19
CA SER B 89 12.65 -22.25 -39.28
C SER B 89 12.48 -21.29 -40.46
N LYS B 90 12.13 -21.80 -41.66
CA LYS B 90 11.91 -20.94 -42.82
C LYS B 90 10.72 -20.01 -42.63
N GLN B 91 9.58 -20.55 -42.16
CA GLN B 91 8.40 -19.72 -41.96
C GLN B 91 8.59 -18.72 -40.82
N MET B 92 9.31 -19.08 -39.75
CA MET B 92 9.58 -18.15 -38.64
C MET B 92 10.37 -16.93 -39.14
N GLN B 93 11.33 -17.17 -40.04
CA GLN B 93 12.12 -16.08 -40.61
C GLN B 93 11.25 -15.21 -41.52
N ARG B 94 10.44 -15.84 -42.37
CA ARG B 94 9.58 -15.09 -43.29
C ARG B 94 8.53 -14.25 -42.54
N PHE B 95 7.97 -14.81 -41.47
CA PHE B 95 6.91 -14.14 -40.72
C PHE B 95 7.41 -13.30 -39.52
N ASN B 96 8.73 -13.15 -39.35
CA ASN B 96 9.35 -12.35 -38.31
C ASN B 96 9.02 -12.80 -36.89
N VAL B 97 8.97 -14.10 -36.68
CA VAL B 97 8.73 -14.64 -35.35
C VAL B 97 10.11 -14.93 -34.81
N GLY B 98 10.47 -14.22 -33.76
CA GLY B 98 11.80 -14.35 -33.16
C GLY B 98 11.86 -13.68 -31.81
N GLU B 99 12.86 -12.82 -31.57
CA GLU B 99 13.01 -12.19 -30.26
C GLU B 99 11.83 -11.32 -29.86
N ASP B 100 11.46 -10.30 -30.66
CA ASP B 100 10.34 -9.43 -30.27
C ASP B 100 9.01 -10.18 -30.26
N CYS B 101 8.81 -11.09 -31.22
CA CYS B 101 7.57 -11.83 -31.34
C CYS B 101 7.85 -13.31 -31.18
N PRO B 102 8.03 -13.77 -29.94
CA PRO B 102 8.40 -15.18 -29.72
C PRO B 102 7.26 -16.16 -29.88
N VAL B 103 7.61 -17.45 -29.95
CA VAL B 103 6.62 -18.51 -30.00
C VAL B 103 6.39 -18.84 -28.54
N PHE B 104 5.14 -18.77 -28.08
CA PHE B 104 4.83 -19.14 -26.71
C PHE B 104 3.60 -20.04 -26.67
N ASP B 105 3.42 -20.78 -25.57
CA ASP B 105 2.29 -21.69 -25.41
C ASP B 105 0.99 -20.90 -25.48
N GLY B 106 0.09 -21.32 -26.36
CA GLY B 106 -1.21 -20.67 -26.49
C GLY B 106 -1.20 -19.39 -27.30
N LEU B 107 -0.12 -19.12 -28.05
CA LEU B 107 0.02 -17.92 -28.89
C LEU B 107 -1.24 -17.64 -29.73
N PHE B 108 -1.73 -18.66 -30.47
CA PHE B 108 -2.89 -18.45 -31.33
C PHE B 108 -4.12 -18.08 -30.52
N GLU B 109 -4.35 -18.76 -29.39
CA GLU B 109 -5.52 -18.45 -28.55
C GLU B 109 -5.42 -17.01 -28.01
N PHE B 110 -4.22 -16.57 -27.65
CA PHE B 110 -4.00 -15.18 -27.18
C PHE B 110 -4.43 -14.20 -28.31
N CYS B 111 -4.00 -14.49 -29.55
CA CYS B 111 -4.38 -13.68 -30.70
C CYS B 111 -5.88 -13.69 -30.90
N GLN B 112 -6.51 -14.87 -30.79
CA GLN B 112 -7.96 -15.00 -30.98
C GLN B 112 -8.74 -14.19 -29.96
N LEU B 113 -8.30 -14.18 -28.71
CA LEU B 113 -9.00 -13.45 -27.66
C LEU B 113 -8.77 -11.94 -27.76
N SER B 114 -7.52 -11.53 -28.06
CA SER B 114 -7.24 -10.09 -28.23
C SER B 114 -8.06 -9.55 -29.42
N THR B 115 -8.05 -10.27 -30.55
CA THR B 115 -8.80 -9.86 -31.73
C THR B 115 -10.32 -9.93 -31.50
N GLY B 116 -10.79 -11.00 -30.86
CA GLY B 116 -12.21 -11.21 -30.58
C GLY B 116 -12.85 -10.02 -29.88
N GLY B 117 -12.16 -9.47 -28.89
CA GLY B 117 -12.70 -8.32 -28.17
C GLY B 117 -12.84 -7.09 -29.06
N SER B 118 -11.85 -6.83 -29.92
CA SER B 118 -11.88 -5.64 -30.76
C SER B 118 -12.97 -5.75 -31.82
N VAL B 119 -13.07 -6.91 -32.50
CA VAL B 119 -14.07 -7.11 -33.53
CA VAL B 119 -14.08 -7.06 -33.53
C VAL B 119 -15.48 -7.14 -32.92
N ALA B 120 -15.65 -7.79 -31.75
CA ALA B 120 -16.99 -7.83 -31.11
C ALA B 120 -17.43 -6.43 -30.71
N GLY B 121 -16.49 -5.60 -30.22
CA GLY B 121 -16.80 -4.23 -29.86
C GLY B 121 -17.24 -3.41 -31.06
N ALA B 122 -16.57 -3.62 -32.21
CA ALA B 122 -16.87 -2.91 -33.44
C ALA B 122 -18.31 -3.29 -33.89
N VAL B 123 -18.68 -4.59 -33.77
CA VAL B 123 -20.04 -5.07 -34.10
C VAL B 123 -21.07 -4.38 -33.22
N LYS B 124 -20.82 -4.31 -31.90
CA LYS B 124 -21.73 -3.63 -30.96
C LYS B 124 -21.94 -2.17 -31.35
N LEU B 125 -20.85 -1.49 -31.79
CA LEU B 125 -20.97 -0.10 -32.20
C LEU B 125 -21.80 -0.01 -33.50
N ASN B 126 -21.53 -0.90 -34.45
CA ASN B 126 -22.24 -0.93 -35.74
C ASN B 126 -23.75 -1.15 -35.53
N ARG B 127 -24.09 -2.05 -34.60
CA ARG B 127 -25.51 -2.33 -34.31
C ARG B 127 -26.17 -1.29 -33.39
N GLN B 128 -25.44 -0.21 -33.04
CA GLN B 128 -25.89 0.85 -32.16
C GLN B 128 -26.38 0.31 -30.81
N GLN B 129 -25.72 -0.74 -30.33
CA GLN B 129 -26.05 -1.35 -29.03
C GLN B 129 -25.25 -0.71 -27.87
N THR B 130 -24.21 0.09 -28.20
CA THR B 130 -23.41 0.81 -27.24
C THR B 130 -22.84 2.07 -27.88
N ASP B 131 -22.47 3.04 -27.06
CA ASP B 131 -21.84 4.27 -27.50
C ASP B 131 -20.28 4.09 -27.44
N MET B 132 -19.80 3.25 -26.51
CA MET B 132 -18.36 3.00 -26.35
C MET B 132 -18.12 1.53 -26.11
N ALA B 133 -17.07 1.00 -26.73
CA ALA B 133 -16.67 -0.39 -26.51
C ALA B 133 -15.18 -0.33 -26.09
N VAL B 134 -14.81 -1.13 -25.10
CA VAL B 134 -13.44 -1.15 -24.57
C VAL B 134 -12.84 -2.55 -24.65
N ASN B 135 -11.59 -2.66 -25.13
CA ASN B 135 -10.91 -3.94 -25.16
C ASN B 135 -9.43 -3.69 -24.80
N TRP B 136 -9.08 -3.77 -23.50
CA TRP B 136 -7.68 -3.49 -23.12
C TRP B 136 -6.70 -4.52 -23.63
N ALA B 137 -7.18 -5.73 -24.02
CA ALA B 137 -6.28 -6.74 -24.59
C ALA B 137 -5.93 -6.46 -26.05
N GLY B 138 -6.58 -5.49 -26.69
CA GLY B 138 -6.34 -5.16 -28.08
C GLY B 138 -5.36 -4.00 -28.24
N GLY B 139 -5.37 -3.39 -29.43
CA GLY B 139 -4.49 -2.29 -29.77
C GLY B 139 -3.11 -2.74 -30.24
N LEU B 140 -3.00 -3.94 -30.84
CA LEU B 140 -1.70 -4.46 -31.27
C LEU B 140 -1.35 -3.94 -32.67
N HIS B 141 -1.05 -2.64 -32.72
CA HIS B 141 -0.90 -1.85 -33.92
C HIS B 141 0.28 -2.15 -34.87
N HIS B 142 1.28 -2.97 -34.49
CA HIS B 142 2.39 -3.19 -35.44
C HIS B 142 2.21 -4.35 -36.37
N ALA B 143 1.30 -5.27 -36.07
CA ALA B 143 1.16 -6.46 -36.94
C ALA B 143 0.84 -6.10 -38.37
N LYS B 144 1.52 -6.78 -39.30
CA LYS B 144 1.38 -6.54 -40.74
C LYS B 144 0.56 -7.64 -41.39
N LYS B 145 0.15 -7.44 -42.66
CA LYS B 145 -0.64 -8.42 -43.40
C LYS B 145 -0.06 -9.83 -43.35
N SER B 146 1.26 -9.98 -43.55
CA SER B 146 1.89 -11.30 -43.53
CA SER B 146 1.87 -11.31 -43.51
C SER B 146 3.11 -11.39 -42.63
N GLU B 147 3.13 -10.63 -41.51
CA GLU B 147 4.28 -10.72 -40.61
C GLU B 147 4.01 -10.12 -39.25
N ALA B 148 4.60 -10.74 -38.24
CA ALA B 148 4.49 -10.25 -36.87
C ALA B 148 5.50 -9.10 -36.70
N SER B 149 5.27 -8.23 -35.71
CA SER B 149 6.18 -7.12 -35.47
C SER B 149 5.90 -6.49 -34.14
N GLY B 150 6.96 -6.09 -33.45
CA GLY B 150 6.88 -5.36 -32.18
C GLY B 150 5.87 -5.87 -31.18
N PHE B 151 5.99 -7.16 -30.84
CA PHE B 151 5.13 -7.85 -29.85
C PHE B 151 3.69 -8.13 -30.34
N CYS B 152 3.38 -7.76 -31.58
CA CYS B 152 2.06 -7.91 -32.20
C CYS B 152 2.06 -8.99 -33.26
N TYR B 153 1.02 -9.84 -33.25
CA TYR B 153 0.92 -10.94 -34.24
C TYR B 153 -0.27 -10.75 -35.18
N VAL B 154 -1.44 -10.40 -34.64
CA VAL B 154 -2.64 -10.18 -35.43
C VAL B 154 -3.07 -8.75 -35.18
N ASN B 155 -3.28 -7.99 -36.24
CA ASN B 155 -3.66 -6.60 -36.10
C ASN B 155 -5.17 -6.50 -35.83
N ASP B 156 -5.54 -6.59 -34.54
CA ASP B 156 -6.94 -6.50 -34.15
C ASP B 156 -7.53 -5.12 -34.52
N ILE B 157 -6.68 -4.07 -34.57
CA ILE B 157 -7.20 -2.73 -34.89
C ILE B 157 -7.66 -2.68 -36.33
N VAL B 158 -6.84 -3.19 -37.26
CA VAL B 158 -7.21 -3.21 -38.68
C VAL B 158 -8.49 -4.02 -38.87
N LEU B 159 -8.60 -5.17 -38.21
CA LEU B 159 -9.81 -6.00 -38.32
C LEU B 159 -11.05 -5.28 -37.77
N ALA B 160 -10.90 -4.56 -36.65
CA ALA B 160 -12.01 -3.78 -36.08
C ALA B 160 -12.41 -2.63 -37.00
N ILE B 161 -11.42 -1.97 -37.64
CA ILE B 161 -11.72 -0.87 -38.54
C ILE B 161 -12.44 -1.40 -39.78
N LEU B 162 -12.01 -2.56 -40.30
CA LEU B 162 -12.69 -3.15 -41.46
C LEU B 162 -14.17 -3.44 -41.11
N GLU B 163 -14.43 -3.88 -39.85
CA GLU B 163 -15.79 -4.15 -39.39
CA GLU B 163 -15.79 -4.16 -39.38
C GLU B 163 -16.56 -2.82 -39.32
N LEU B 164 -15.97 -1.76 -38.73
CA LEU B 164 -16.64 -0.45 -38.69
C LEU B 164 -16.93 0.09 -40.10
N LEU B 165 -16.02 -0.19 -41.06
CA LEU B 165 -16.19 0.29 -42.44
C LEU B 165 -17.43 -0.30 -43.14
N LYS B 166 -18.01 -1.39 -42.59
CA LYS B 166 -19.25 -1.94 -43.18
C LYS B 166 -20.42 -0.97 -43.01
N TYR B 167 -20.41 -0.17 -41.92
CA TYR B 167 -21.47 0.74 -41.59
C TYR B 167 -21.09 2.21 -41.67
N HIS B 168 -19.77 2.52 -41.60
CA HIS B 168 -19.28 3.90 -41.56
C HIS B 168 -18.46 4.30 -42.76
N GLN B 169 -18.85 5.39 -43.45
CA GLN B 169 -18.12 5.84 -44.63
C GLN B 169 -16.69 6.28 -44.26
N ARG B 170 -16.55 6.99 -43.16
CA ARG B 170 -15.25 7.50 -42.70
C ARG B 170 -14.99 7.13 -41.24
N VAL B 171 -13.84 6.53 -40.98
CA VAL B 171 -13.45 6.13 -39.63
C VAL B 171 -12.15 6.84 -39.26
N LEU B 172 -12.10 7.41 -38.05
CA LEU B 172 -10.90 8.08 -37.59
C LEU B 172 -10.17 7.16 -36.59
N TYR B 173 -8.87 6.95 -36.79
CA TYR B 173 -8.04 6.16 -35.88
C TYR B 173 -7.06 7.14 -35.20
N ILE B 174 -6.99 7.14 -33.86
CA ILE B 174 -6.08 8.02 -33.12
C ILE B 174 -5.21 7.08 -32.24
N ASP B 175 -3.89 7.30 -32.23
CA ASP B 175 -2.99 6.42 -31.52
C ASP B 175 -2.06 7.21 -30.61
N ILE B 176 -2.20 7.04 -29.27
CA ILE B 176 -1.38 7.76 -28.28
C ILE B 176 -0.34 6.86 -27.62
N ASP B 177 -0.08 5.66 -28.21
CA ASP B 177 1.02 4.80 -27.77
C ASP B 177 2.33 5.60 -28.09
N ILE B 178 3.39 5.39 -27.31
CA ILE B 178 4.64 6.12 -27.61
C ILE B 178 5.24 5.69 -28.98
N HIS B 179 4.92 4.47 -29.45
CA HIS B 179 5.45 4.01 -30.74
C HIS B 179 4.46 4.34 -31.87
N HIS B 180 5.02 4.64 -33.07
CA HIS B 180 4.19 4.94 -34.23
C HIS B 180 3.27 3.72 -34.57
N GLY B 181 1.99 3.95 -34.88
CA GLY B 181 1.06 2.88 -35.26
C GLY B 181 1.22 2.54 -36.73
N ASP B 182 2.37 1.97 -37.09
CA ASP B 182 2.73 1.67 -38.48
C ASP B 182 1.86 0.64 -39.17
N GLY B 183 1.46 -0.43 -38.47
CA GLY B 183 0.64 -1.46 -39.09
C GLY B 183 -0.71 -0.93 -39.53
N VAL B 184 -1.32 -0.09 -38.69
CA VAL B 184 -2.62 0.50 -39.01
C VAL B 184 -2.46 1.53 -40.13
N GLU B 185 -1.44 2.40 -40.02
CA GLU B 185 -1.19 3.41 -41.05
C GLU B 185 -0.95 2.74 -42.43
N GLU B 186 -0.13 1.70 -42.47
CA GLU B 186 0.16 0.98 -43.72
C GLU B 186 -1.07 0.33 -44.34
N ALA B 187 -1.91 -0.31 -43.50
CA ALA B 187 -3.12 -0.96 -44.02
C ALA B 187 -4.04 -0.03 -44.79
N PHE B 188 -4.17 1.23 -44.33
CA PHE B 188 -5.08 2.21 -44.92
C PHE B 188 -4.39 3.40 -45.62
N TYR B 189 -3.09 3.27 -45.91
CA TYR B 189 -2.31 4.37 -46.48
C TYR B 189 -2.84 4.96 -47.78
N THR B 190 -3.49 4.13 -48.61
CA THR B 190 -3.99 4.61 -49.91
C THR B 190 -5.52 4.82 -49.96
N THR B 191 -6.17 4.88 -48.80
CA THR B 191 -7.60 5.13 -48.77
C THR B 191 -7.94 6.38 -47.98
N ASP B 192 -9.03 7.03 -48.39
CA ASP B 192 -9.59 8.20 -47.71
C ASP B 192 -10.72 7.77 -46.75
N ARG B 193 -11.03 6.47 -46.66
CA ARG B 193 -12.09 6.00 -45.77
C ARG B 193 -11.64 5.82 -44.32
N VAL B 194 -10.33 5.92 -44.09
CA VAL B 194 -9.77 5.87 -42.76
C VAL B 194 -8.74 6.99 -42.68
N MET B 195 -8.81 7.81 -41.63
CA MET B 195 -7.77 8.79 -41.37
C MET B 195 -7.02 8.25 -40.16
N THR B 196 -5.68 8.13 -40.26
CA THR B 196 -4.87 7.65 -39.13
C THR B 196 -4.09 8.82 -38.57
N VAL B 197 -4.12 9.00 -37.23
CA VAL B 197 -3.43 10.10 -36.58
C VAL B 197 -2.59 9.50 -35.47
N SER B 198 -1.26 9.63 -35.54
CA SER B 198 -0.38 9.06 -34.53
C SER B 198 0.51 10.11 -33.89
N PHE B 199 0.60 10.09 -32.55
CA PHE B 199 1.50 10.97 -31.77
C PHE B 199 2.50 9.99 -31.21
N HIS B 200 3.80 10.20 -31.46
CA HIS B 200 4.78 9.20 -31.02
C HIS B 200 6.17 9.74 -30.97
N LYS B 201 7.06 9.03 -30.30
CA LYS B 201 8.47 9.41 -30.26
CA LYS B 201 8.47 9.41 -30.26
C LYS B 201 9.05 9.06 -31.63
N TYR B 202 9.84 9.97 -32.21
CA TYR B 202 10.43 9.72 -33.51
C TYR B 202 11.90 10.10 -33.46
N GLY B 203 12.75 9.22 -33.98
CA GLY B 203 14.20 9.43 -33.98
C GLY B 203 14.90 8.39 -33.14
N GLU B 204 15.64 7.47 -33.80
CA GLU B 204 16.37 6.35 -33.12
C GLU B 204 15.43 5.59 -32.20
N TYR B 205 14.24 5.22 -32.74
CA TYR B 205 13.22 4.57 -31.90
C TYR B 205 12.33 3.72 -32.76
N PHE B 206 11.94 2.57 -32.24
CA PHE B 206 11.11 1.63 -32.99
C PHE B 206 9.75 2.25 -33.32
N PRO B 207 9.15 1.99 -34.51
CA PRO B 207 9.64 1.17 -35.63
C PRO B 207 10.43 1.94 -36.69
N GLY B 208 10.77 3.20 -36.44
CA GLY B 208 11.53 4.03 -37.38
C GLY B 208 10.70 4.76 -38.43
N THR B 209 9.36 4.62 -38.36
CA THR B 209 8.42 5.24 -39.30
C THR B 209 7.61 6.36 -38.62
N GLY B 210 6.72 7.02 -39.38
CA GLY B 210 5.90 8.07 -38.79
C GLY B 210 6.57 9.42 -38.83
N ASP B 211 7.26 9.71 -39.92
CA ASP B 211 7.87 11.02 -40.11
C ASP B 211 6.71 12.01 -40.40
N LEU B 212 6.92 13.27 -40.06
CA LEU B 212 5.96 14.37 -40.31
C LEU B 212 5.54 14.38 -41.82
N ARG B 213 6.45 14.00 -42.70
CA ARG B 213 6.23 13.98 -44.16
C ARG B 213 5.49 12.75 -44.70
N ASP B 214 5.17 11.78 -43.82
CA ASP B 214 4.42 10.61 -44.23
C ASP B 214 2.95 11.02 -44.09
N ILE B 215 2.33 11.45 -45.20
CA ILE B 215 0.97 11.94 -45.18
C ILE B 215 -0.05 11.12 -45.98
N GLY B 216 0.35 9.96 -46.48
CA GLY B 216 -0.57 9.13 -47.26
C GLY B 216 -0.18 9.13 -48.74
N ALA B 217 -0.80 8.26 -49.52
CA ALA B 217 -0.51 8.18 -50.96
C ALA B 217 -1.77 7.92 -51.78
N GLY B 218 -1.78 8.37 -53.04
CA GLY B 218 -2.93 8.19 -53.92
C GLY B 218 -4.19 8.83 -53.37
N LYS B 219 -5.30 8.07 -53.34
CA LYS B 219 -6.55 8.58 -52.76
C LYS B 219 -6.37 8.88 -51.24
N GLY B 220 -5.38 8.27 -50.61
CA GLY B 220 -5.07 8.46 -49.20
C GLY B 220 -4.22 9.67 -48.90
N LYS B 221 -3.77 10.44 -49.93
CA LYS B 221 -2.93 11.63 -49.66
C LYS B 221 -3.68 12.63 -48.75
N TYR B 222 -3.05 13.01 -47.63
CA TYR B 222 -3.55 13.89 -46.57
C TYR B 222 -4.41 13.14 -45.51
N TYR B 223 -4.58 11.82 -45.66
CA TYR B 223 -5.37 11.04 -44.71
C TYR B 223 -4.53 10.27 -43.69
N ALA B 224 -3.23 10.55 -43.60
CA ALA B 224 -2.32 9.96 -42.61
C ALA B 224 -1.65 11.16 -41.96
N VAL B 225 -1.72 11.28 -40.62
CA VAL B 225 -1.18 12.40 -39.88
C VAL B 225 -0.22 11.84 -38.83
N ASN B 226 0.98 12.37 -38.81
CA ASN B 226 1.99 11.94 -37.88
C ASN B 226 2.58 13.11 -37.12
N PHE B 227 2.54 13.05 -35.77
CA PHE B 227 3.14 14.10 -34.95
C PHE B 227 4.37 13.48 -34.26
N PRO B 228 5.57 13.72 -34.82
CA PRO B 228 6.79 13.18 -34.22
C PRO B 228 7.25 14.02 -33.04
N MET B 229 7.61 13.35 -31.95
N MET B 229 7.58 13.34 -31.93
CA MET B 229 8.04 14.03 -30.74
CA MET B 229 7.98 13.95 -30.67
C MET B 229 9.39 13.53 -30.22
C MET B 229 9.33 13.46 -30.14
N ARG B 230 9.97 14.28 -29.29
CA ARG B 230 11.23 13.93 -28.66
C ARG B 230 10.90 13.50 -27.21
N ASP B 231 11.94 13.04 -26.48
CA ASP B 231 11.76 12.62 -25.10
C ASP B 231 11.22 13.71 -24.20
N GLY B 232 10.56 13.28 -23.13
CA GLY B 232 10.18 14.21 -22.08
C GLY B 232 8.95 15.03 -22.20
N ILE B 233 8.09 14.78 -23.21
N ILE B 233 8.09 14.77 -23.20
CA ILE B 233 6.84 15.52 -23.34
CA ILE B 233 6.84 15.52 -23.34
C ILE B 233 5.99 15.36 -22.06
C ILE B 233 5.98 15.35 -22.07
N ASP B 234 5.41 16.45 -21.58
CA ASP B 234 4.64 16.42 -20.35
C ASP B 234 3.16 16.68 -20.61
N ASP B 235 2.32 16.62 -19.55
CA ASP B 235 0.88 16.80 -19.70
C ASP B 235 0.48 18.12 -20.38
N GLU B 236 1.06 19.22 -19.93
CA GLU B 236 0.72 20.53 -20.47
C GLU B 236 1.04 20.61 -21.96
N SER B 237 2.27 20.24 -22.35
CA SER B 237 2.68 20.30 -23.75
CA SER B 237 2.65 20.32 -23.76
C SER B 237 1.88 19.36 -24.65
N TYR B 238 1.65 18.11 -24.19
CA TYR B 238 0.90 17.14 -24.97
C TYR B 238 -0.56 17.61 -25.17
N GLY B 239 -1.18 18.08 -24.09
CA GLY B 239 -2.56 18.52 -24.12
C GLY B 239 -2.80 19.68 -25.04
N GLN B 240 -1.82 20.61 -25.08
CA GLN B 240 -1.84 21.81 -25.92
C GLN B 240 -1.80 21.51 -27.39
N ILE B 241 -1.28 20.34 -27.82
CA ILE B 241 -1.31 20.00 -29.24
C ILE B 241 -2.38 18.97 -29.57
N PHE B 242 -2.71 18.08 -28.61
CA PHE B 242 -3.70 17.04 -28.90
C PHE B 242 -5.07 17.62 -29.20
N LYS B 243 -5.59 18.48 -28.30
CA LYS B 243 -6.92 19.05 -28.51
C LYS B 243 -7.06 19.86 -29.82
N PRO B 244 -6.15 20.82 -30.15
CA PRO B 244 -6.33 21.55 -31.42
C PRO B 244 -6.20 20.63 -32.65
N ILE B 245 -5.28 19.67 -32.63
CA ILE B 245 -5.12 18.77 -33.78
C ILE B 245 -6.36 17.89 -33.97
N ILE B 246 -6.83 17.22 -32.90
CA ILE B 246 -8.02 16.37 -33.02
C ILE B 246 -9.27 17.21 -33.39
N SER B 247 -9.38 18.43 -32.86
CA SER B 247 -10.53 19.31 -33.21
C SER B 247 -10.52 19.65 -34.70
N LYS B 248 -9.35 19.95 -35.26
CA LYS B 248 -9.22 20.29 -36.69
C LYS B 248 -9.52 19.06 -37.55
N VAL B 249 -9.00 17.89 -37.13
CA VAL B 249 -9.26 16.62 -37.82
C VAL B 249 -10.76 16.35 -37.84
N MET B 250 -11.45 16.51 -36.70
CA MET B 250 -12.90 16.27 -36.61
C MET B 250 -13.66 17.24 -37.55
N GLU B 251 -13.25 18.51 -37.56
CA GLU B 251 -13.89 19.53 -38.40
C GLU B 251 -13.71 19.24 -39.89
N MET B 252 -12.50 18.89 -40.33
CA MET B 252 -12.25 18.62 -41.75
C MET B 252 -12.69 17.25 -42.24
N TYR B 253 -12.48 16.20 -41.43
CA TYR B 253 -12.75 14.84 -41.85
C TYR B 253 -14.18 14.36 -41.57
N GLN B 254 -14.81 14.85 -40.52
CA GLN B 254 -16.19 14.48 -40.13
C GLN B 254 -16.40 12.97 -40.10
N PRO B 255 -15.58 12.27 -39.30
CA PRO B 255 -15.73 10.80 -39.24
C PRO B 255 -17.03 10.40 -38.53
N SER B 256 -17.56 9.21 -38.81
CA SER B 256 -18.78 8.76 -38.12
C SER B 256 -18.50 7.74 -37.01
N ALA B 257 -17.23 7.30 -36.86
CA ALA B 257 -16.80 6.39 -35.78
C ALA B 257 -15.32 6.67 -35.48
N VAL B 258 -14.91 6.35 -34.25
CA VAL B 258 -13.53 6.61 -33.85
C VAL B 258 -12.94 5.40 -33.15
N VAL B 259 -11.67 5.11 -33.43
CA VAL B 259 -10.95 4.04 -32.74
C VAL B 259 -9.77 4.74 -32.05
N LEU B 260 -9.64 4.59 -30.74
CA LEU B 260 -8.57 5.23 -29.98
C LEU B 260 -7.68 4.17 -29.35
N GLN B 261 -6.40 4.11 -29.77
CA GLN B 261 -5.46 3.14 -29.21
C GLN B 261 -4.83 3.91 -28.04
N CYS B 262 -4.94 3.35 -26.83
CA CYS B 262 -4.53 3.97 -25.56
C CYS B 262 -3.26 3.39 -24.98
N GLY B 263 -2.25 3.07 -25.80
CA GLY B 263 -0.99 2.51 -25.30
C GLY B 263 -0.45 3.33 -24.13
N ALA B 264 -0.20 2.67 -22.98
CA ALA B 264 0.24 3.35 -21.78
C ALA B 264 1.74 3.49 -21.64
N ASP B 265 2.50 3.16 -22.68
CA ASP B 265 3.93 3.34 -22.64
C ASP B 265 4.35 4.82 -22.86
N SER B 266 3.38 5.73 -23.08
CA SER B 266 3.64 7.17 -23.17
C SER B 266 3.63 7.82 -21.73
N LEU B 267 3.45 7.00 -20.66
CA LEU B 267 3.44 7.47 -19.29
C LEU B 267 4.84 7.63 -18.76
N SER B 268 5.02 8.56 -17.81
CA SER B 268 6.27 8.78 -17.12
C SER B 268 6.68 7.45 -16.42
N GLY B 269 7.95 7.11 -16.48
CA GLY B 269 8.46 5.92 -15.82
C GLY B 269 8.28 4.60 -16.53
N ASP B 270 7.78 4.63 -17.78
CA ASP B 270 7.61 3.40 -18.53
C ASP B 270 8.96 2.72 -18.79
N ARG B 271 9.01 1.39 -18.69
CA ARG B 271 10.25 0.65 -18.93
C ARG B 271 10.86 0.84 -20.30
N LEU B 272 10.04 1.01 -21.34
N LEU B 272 10.01 0.98 -21.35
CA LEU B 272 10.58 1.21 -22.69
CA LEU B 272 10.44 1.14 -22.75
C LEU B 272 10.47 2.66 -23.15
C LEU B 272 10.29 2.55 -23.32
N GLY B 273 9.44 3.36 -22.68
CA GLY B 273 9.15 4.72 -23.07
C GLY B 273 9.98 5.80 -22.40
N CYS B 274 10.04 6.94 -23.07
CA CYS B 274 10.79 8.10 -22.66
C CYS B 274 9.96 9.37 -22.60
N PHE B 275 8.62 9.26 -22.43
CA PHE B 275 7.74 10.41 -22.26
C PHE B 275 7.54 10.66 -20.75
N ASN B 276 6.89 11.76 -20.40
CA ASN B 276 6.66 12.18 -19.02
C ASN B 276 5.21 12.54 -18.72
N LEU B 277 4.24 11.79 -19.29
CA LEU B 277 2.84 12.07 -19.01
C LEU B 277 2.38 11.39 -17.73
N THR B 278 1.40 11.99 -17.06
CA THR B 278 0.80 11.34 -15.90
C THR B 278 -0.45 10.57 -16.42
N VAL B 279 -1.13 9.83 -15.53
CA VAL B 279 -2.38 9.17 -15.88
C VAL B 279 -3.44 10.22 -16.26
N LYS B 280 -3.48 11.36 -15.54
CA LYS B 280 -4.44 12.43 -15.90
C LYS B 280 -4.15 13.01 -17.31
N GLY B 281 -2.87 13.21 -17.64
CA GLY B 281 -2.49 13.73 -18.94
C GLY B 281 -2.80 12.80 -20.10
N HIS B 282 -2.63 11.50 -19.87
CA HIS B 282 -2.92 10.50 -20.88
C HIS B 282 -4.47 10.40 -21.03
N ALA B 283 -5.21 10.35 -19.91
CA ALA B 283 -6.68 10.25 -19.91
C ALA B 283 -7.35 11.48 -20.46
N LYS B 284 -6.67 12.65 -20.46
CA LYS B 284 -7.23 13.88 -21.05
C LYS B 284 -7.56 13.61 -22.56
N CYS B 285 -6.78 12.73 -23.22
CA CYS B 285 -7.00 12.36 -24.62
C CYS B 285 -8.36 11.67 -24.78
N VAL B 286 -8.71 10.76 -23.85
CA VAL B 286 -10.01 10.06 -23.88
C VAL B 286 -11.09 11.10 -23.68
N GLU B 287 -10.92 12.00 -22.68
CA GLU B 287 -11.89 13.06 -22.42
CA GLU B 287 -11.90 13.05 -22.42
C GLU B 287 -12.15 13.91 -23.67
N VAL B 288 -11.09 14.37 -24.35
CA VAL B 288 -11.22 15.17 -25.57
C VAL B 288 -11.98 14.44 -26.67
N VAL B 289 -11.61 13.17 -26.94
CA VAL B 289 -12.28 12.38 -27.96
C VAL B 289 -13.75 12.20 -27.64
N LYS B 290 -14.07 11.99 -26.37
CA LYS B 290 -15.48 11.83 -25.96
C LYS B 290 -16.36 13.03 -26.22
N THR B 291 -15.80 14.24 -26.17
CA THR B 291 -16.60 15.45 -26.40
C THR B 291 -17.27 15.47 -27.77
N PHE B 292 -16.75 14.72 -28.76
CA PHE B 292 -17.33 14.71 -30.10
C PHE B 292 -18.57 13.80 -30.26
N ASN B 293 -18.91 13.04 -29.19
CA ASN B 293 -20.08 12.17 -29.14
C ASN B 293 -20.24 11.26 -30.34
N LEU B 294 -19.17 10.59 -30.71
CA LEU B 294 -19.19 9.64 -31.82
C LEU B 294 -18.99 8.23 -31.27
N PRO B 295 -19.49 7.17 -31.97
CA PRO B 295 -19.24 5.78 -31.54
C PRO B 295 -17.73 5.59 -31.37
N LEU B 296 -17.32 5.10 -30.21
CA LEU B 296 -15.91 4.99 -29.91
C LEU B 296 -15.45 3.62 -29.44
N LEU B 297 -14.39 3.08 -30.07
CA LEU B 297 -13.79 1.81 -29.66
C LEU B 297 -12.44 2.18 -29.01
N MET B 298 -12.28 1.90 -27.72
CA MET B 298 -11.06 2.20 -26.99
C MET B 298 -10.27 0.91 -26.80
N LEU B 299 -9.00 0.92 -27.24
CA LEU B 299 -8.17 -0.27 -27.16
C LEU B 299 -6.91 -0.03 -26.33
N GLY B 300 -6.27 -1.13 -25.93
CA GLY B 300 -5.02 -1.08 -25.20
C GLY B 300 -3.84 -0.85 -26.16
N GLY B 301 -2.71 -1.45 -25.84
CA GLY B 301 -1.51 -1.31 -26.66
C GLY B 301 -0.32 -1.54 -25.77
N GLY B 302 0.71 -0.71 -25.92
CA GLY B 302 1.90 -0.83 -25.10
C GLY B 302 1.68 -0.45 -23.63
N GLY B 303 2.74 -0.56 -22.84
CA GLY B 303 2.68 -0.26 -21.41
C GLY B 303 3.49 -1.35 -20.75
N TYR B 304 4.66 -0.96 -20.21
CA TYR B 304 5.63 -1.93 -19.72
C TYR B 304 6.04 -1.77 -18.24
N THR B 305 5.51 -0.76 -17.50
CA THR B 305 5.68 -0.65 -16.02
C THR B 305 4.24 -0.99 -15.61
N ILE B 306 4.00 -2.27 -15.37
CA ILE B 306 2.63 -2.77 -15.29
C ILE B 306 1.76 -2.18 -14.19
N ARG B 307 2.30 -1.77 -13.02
CA ARG B 307 1.40 -1.11 -12.04
C ARG B 307 0.84 0.20 -12.64
N ASN B 308 1.64 0.91 -13.48
CA ASN B 308 1.16 2.17 -14.07
C ASN B 308 0.16 1.92 -15.21
N VAL B 309 0.30 0.79 -15.90
CA VAL B 309 -0.64 0.42 -16.96
C VAL B 309 -2.02 0.17 -16.34
N ALA B 310 -2.04 -0.59 -15.21
CA ALA B 310 -3.28 -0.89 -14.50
C ALA B 310 -3.93 0.42 -14.02
N ARG B 311 -3.13 1.34 -13.49
CA ARG B 311 -3.68 2.64 -13.04
C ARG B 311 -4.31 3.38 -14.21
N CYS B 312 -3.58 3.45 -15.30
CA CYS B 312 -3.98 4.21 -16.48
C CYS B 312 -5.29 3.70 -17.08
N TRP B 313 -5.36 2.39 -17.35
CA TRP B 313 -6.54 1.84 -17.98
C TRP B 313 -7.73 1.79 -17.03
N THR B 314 -7.48 1.68 -15.71
CA THR B 314 -8.58 1.75 -14.74
C THR B 314 -9.16 3.17 -14.79
N TYR B 315 -8.30 4.19 -14.77
CA TYR B 315 -8.77 5.59 -14.80
C TYR B 315 -9.50 5.89 -16.12
N GLU B 316 -8.97 5.40 -17.25
CA GLU B 316 -9.60 5.62 -18.55
C GLU B 316 -10.94 4.93 -18.67
N THR B 317 -11.12 3.79 -17.97
CA THR B 317 -12.41 3.11 -17.98
C THR B 317 -13.40 4.00 -17.18
N ALA B 318 -12.96 4.55 -16.04
CA ALA B 318 -13.78 5.46 -15.23
C ALA B 318 -14.16 6.70 -16.07
N VAL B 319 -13.20 7.23 -16.88
CA VAL B 319 -13.46 8.38 -17.75
C VAL B 319 -14.56 8.02 -18.75
N ALA B 320 -14.45 6.83 -19.36
CA ALA B 320 -15.44 6.36 -20.32
C ALA B 320 -16.85 6.28 -19.68
N LEU B 321 -16.91 5.89 -18.43
CA LEU B 321 -18.15 5.74 -17.66
C LEU B 321 -18.66 7.05 -17.07
N ASP B 322 -17.89 8.15 -17.17
CA ASP B 322 -18.20 9.45 -16.60
C ASP B 322 -18.31 9.29 -15.07
N CYS B 323 -17.42 8.48 -14.48
CA CYS B 323 -17.40 8.19 -13.05
CA CYS B 323 -17.41 8.24 -13.05
C CYS B 323 -16.10 8.71 -12.47
N GLU B 324 -16.14 9.39 -11.31
CA GLU B 324 -14.87 9.80 -10.71
C GLU B 324 -14.56 8.72 -9.67
N ILE B 325 -13.28 8.45 -9.48
CA ILE B 325 -12.85 7.43 -8.53
C ILE B 325 -11.78 8.04 -7.65
N PRO B 326 -11.70 7.60 -6.37
CA PRO B 326 -10.71 8.20 -5.48
C PRO B 326 -9.26 7.84 -5.79
N ASN B 327 -8.35 8.72 -5.38
CA ASN B 327 -6.93 8.48 -5.54
C ASN B 327 -6.48 7.32 -4.64
N GLU B 328 -7.14 7.10 -3.51
CA GLU B 328 -6.83 6.00 -2.60
C GLU B 328 -7.19 4.66 -3.29
N LEU B 329 -6.20 3.80 -3.56
CA LEU B 329 -6.52 2.52 -4.22
C LEU B 329 -7.31 1.63 -3.29
N PRO B 330 -8.33 0.94 -3.80
CA PRO B 330 -9.03 -0.03 -2.96
C PRO B 330 -8.14 -1.26 -2.82
N TYR B 331 -8.40 -2.06 -1.76
CA TYR B 331 -7.66 -3.33 -1.62
C TYR B 331 -8.01 -4.21 -2.85
N ASN B 332 -7.03 -4.93 -3.36
CA ASN B 332 -7.23 -5.78 -4.53
C ASN B 332 -6.21 -6.92 -4.53
N ASP B 333 -6.38 -7.88 -5.48
CA ASP B 333 -5.52 -9.05 -5.57
C ASP B 333 -4.05 -8.76 -5.75
N TYR B 334 -3.71 -7.58 -6.26
CA TYR B 334 -2.32 -7.22 -6.54
C TYR B 334 -1.93 -5.96 -5.78
N PHE B 335 -2.51 -5.74 -4.59
CA PHE B 335 -2.30 -4.51 -3.83
C PHE B 335 -0.83 -4.14 -3.63
N GLU B 336 0.02 -5.14 -3.29
CA GLU B 336 1.45 -4.93 -3.07
C GLU B 336 2.21 -4.41 -4.29
N TYR B 337 1.63 -4.60 -5.51
CA TYR B 337 2.32 -4.09 -6.71
C TYR B 337 2.26 -2.56 -6.75
N PHE B 338 1.31 -1.92 -6.05
CA PHE B 338 1.11 -0.47 -6.13
C PHE B 338 1.84 0.35 -5.06
N GLY B 339 2.76 -0.29 -4.35
CA GLY B 339 3.57 0.45 -3.40
C GLY B 339 4.57 1.35 -4.14
N PRO B 340 5.21 2.30 -3.44
CA PRO B 340 5.12 2.57 -1.99
C PRO B 340 3.91 3.37 -1.50
N ASP B 341 3.24 4.05 -2.43
CA ASP B 341 2.16 4.99 -2.15
C ASP B 341 0.73 4.45 -2.17
N PHE B 342 0.46 3.40 -2.98
CA PHE B 342 -0.90 2.83 -3.08
C PHE B 342 -1.94 3.86 -3.54
N LYS B 343 -1.52 4.78 -4.43
CA LYS B 343 -2.41 5.80 -5.01
C LYS B 343 -2.66 5.45 -6.49
N LEU B 344 -3.73 5.98 -7.06
CA LEU B 344 -4.06 5.72 -8.46
C LEU B 344 -3.20 6.61 -9.37
N HIS B 345 -3.07 7.89 -8.99
CA HIS B 345 -2.38 8.87 -9.83
C HIS B 345 -0.90 8.89 -9.62
N ILE B 346 -0.16 9.20 -10.71
CA ILE B 346 1.29 9.22 -10.65
C ILE B 346 1.83 10.64 -10.85
N SER B 347 3.05 10.87 -10.37
CA SER B 347 3.67 12.18 -10.51
C SER B 347 4.65 12.14 -11.67
N PRO B 348 4.83 13.27 -12.36
CA PRO B 348 5.83 13.29 -13.44
C PRO B 348 7.23 13.33 -12.82
N SER B 349 8.23 12.98 -13.61
CA SER B 349 9.63 13.03 -13.15
C SER B 349 10.23 14.40 -13.48
N ASN B 350 11.52 14.61 -13.11
CA ASN B 350 12.23 15.84 -13.42
C ASN B 350 12.92 15.77 -14.79
N MET B 351 12.56 14.78 -15.66
CA MET B 351 13.21 14.67 -16.95
C MET B 351 12.98 15.93 -17.81
N THR B 352 13.99 16.32 -18.58
CA THR B 352 13.88 17.48 -19.43
C THR B 352 12.90 17.21 -20.57
N ASN B 353 12.02 18.17 -20.85
CA ASN B 353 11.11 18.06 -21.98
C ASN B 353 11.90 18.61 -23.19
N GLN B 354 12.34 17.72 -24.09
CA GLN B 354 13.10 18.13 -25.28
C GLN B 354 12.25 18.77 -26.40
N ASN B 355 10.91 18.72 -26.26
CA ASN B 355 9.99 19.32 -27.20
C ASN B 355 9.83 20.76 -26.79
N THR B 356 10.62 21.65 -27.38
CA THR B 356 10.52 23.08 -27.06
C THR B 356 9.16 23.62 -27.50
N PRO B 357 8.69 24.73 -26.89
CA PRO B 357 7.41 25.31 -27.32
C PRO B 357 7.40 25.66 -28.80
N GLU B 358 8.55 26.14 -29.34
CA GLU B 358 8.64 26.50 -30.75
C GLU B 358 8.60 25.27 -31.64
N TYR B 359 9.26 24.18 -31.21
CA TYR B 359 9.22 22.89 -31.95
C TYR B 359 7.75 22.43 -32.07
N MET B 360 7.02 22.41 -30.94
CA MET B 360 5.62 21.97 -30.93
C MET B 360 4.72 22.82 -31.81
N GLU B 361 4.89 24.15 -31.75
CA GLU B 361 4.08 25.04 -32.58
C GLU B 361 4.40 24.92 -34.06
N LYS B 362 5.68 24.73 -34.39
CA LYS B 362 6.10 24.61 -35.78
C LYS B 362 5.53 23.32 -36.42
N ILE B 363 5.60 22.19 -35.69
CA ILE B 363 5.04 20.93 -36.18
C ILE B 363 3.52 21.04 -36.31
N LYS B 364 2.86 21.64 -35.31
CA LYS B 364 1.40 21.85 -35.34
C LYS B 364 1.00 22.68 -36.57
N GLN B 365 1.77 23.74 -36.90
CA GLN B 365 1.45 24.56 -38.06
C GLN B 365 1.60 23.77 -39.35
N ARG B 366 2.66 22.96 -39.47
CA ARG B 366 2.85 22.13 -40.66
C ARG B 366 1.69 21.12 -40.82
N LEU B 367 1.22 20.53 -39.70
CA LEU B 367 0.08 19.61 -39.76
C LEU B 367 -1.22 20.34 -40.11
N PHE B 368 -1.40 21.56 -39.60
CA PHE B 368 -2.60 22.33 -39.93
C PHE B 368 -2.63 22.64 -41.44
N GLU B 369 -1.46 22.85 -42.06
CA GLU B 369 -1.36 23.10 -43.50
C GLU B 369 -1.82 21.88 -44.28
N ASN B 370 -1.41 20.68 -43.83
CA ASN B 370 -1.83 19.45 -44.49
C ASN B 370 -3.31 19.22 -44.30
N LEU B 371 -3.85 19.53 -43.11
CA LEU B 371 -5.27 19.33 -42.82
C LEU B 371 -6.15 20.26 -43.65
N ARG B 372 -5.67 21.47 -43.94
CA ARG B 372 -6.44 22.40 -44.78
C ARG B 372 -6.51 21.93 -46.25
N MET B 373 -5.69 20.97 -46.66
CA MET B 373 -5.69 20.41 -48.01
C MET B 373 -6.75 19.30 -48.21
N LEU B 374 -7.53 18.97 -47.16
CA LEU B 374 -8.57 17.94 -47.25
C LEU B 374 -9.81 18.50 -47.96
N PRO B 375 -10.47 17.69 -48.81
CA PRO B 375 -11.67 18.17 -49.51
C PRO B 375 -12.86 18.39 -48.57
N LYS C 9 24.47 36.86 0.20
CA LYS C 9 24.74 36.09 -1.01
C LYS C 9 23.71 34.98 -1.22
N LYS C 10 23.28 34.30 -0.14
CA LYS C 10 22.30 33.22 -0.25
C LYS C 10 20.91 33.84 -0.32
N LYS C 11 20.11 33.43 -1.30
CA LYS C 11 18.77 33.95 -1.49
C LYS C 11 17.77 33.28 -0.54
N VAL C 12 16.87 34.09 0.04
CA VAL C 12 15.85 33.60 0.96
C VAL C 12 14.46 34.00 0.49
N CYS C 13 13.57 33.00 0.30
CA CYS C 13 12.19 33.23 -0.09
C CYS C 13 11.32 33.00 1.15
N TYR C 14 10.31 33.85 1.35
CA TYR C 14 9.48 33.78 2.55
C TYR C 14 8.02 33.69 2.16
N TYR C 15 7.27 32.76 2.78
CA TYR C 15 5.87 32.55 2.47
C TYR C 15 4.97 32.99 3.60
N TYR C 16 4.01 33.85 3.27
CA TYR C 16 3.10 34.38 4.26
C TYR C 16 1.82 34.84 3.62
N ASP C 17 0.70 34.53 4.25
CA ASP C 17 -0.62 34.98 3.80
C ASP C 17 -1.16 35.80 4.97
N GLY C 18 -1.56 37.03 4.68
CA GLY C 18 -2.08 37.96 5.68
C GLY C 18 -3.27 37.52 6.51
N ASP C 19 -4.01 36.49 6.06
CA ASP C 19 -5.17 36.02 6.84
C ASP C 19 -4.84 34.87 7.81
N ILE C 20 -3.62 34.31 7.74
CA ILE C 20 -3.24 33.18 8.60
C ILE C 20 -3.43 33.45 10.08
N GLY C 21 -3.13 34.68 10.52
CA GLY C 21 -3.27 35.04 11.92
C GLY C 21 -4.69 35.12 12.43
N ASN C 22 -5.68 35.15 11.51
CA ASN C 22 -7.08 35.22 11.93
C ASN C 22 -7.71 33.87 12.24
N TYR C 23 -7.05 32.74 11.88
CA TYR C 23 -7.63 31.43 12.19
C TYR C 23 -7.54 31.20 13.70
N TYR C 24 -8.62 30.69 14.28
CA TYR C 24 -8.72 30.53 15.71
C TYR C 24 -9.14 29.14 16.12
N TYR C 25 -8.26 28.42 16.83
CA TYR C 25 -8.58 27.06 17.28
C TYR C 25 -9.68 27.00 18.35
N GLY C 26 -10.00 28.13 18.97
CA GLY C 26 -11.02 28.16 20.02
C GLY C 26 -10.46 28.60 21.36
N GLN C 27 -11.33 29.12 22.25
CA GLN C 27 -10.87 29.59 23.56
C GLN C 27 -10.20 28.49 24.40
N GLY C 28 -9.06 28.83 24.97
CA GLY C 28 -8.30 27.90 25.79
C GLY C 28 -7.33 27.02 25.04
N HIS C 29 -7.51 26.88 23.70
CA HIS C 29 -6.61 26.02 22.93
C HIS C 29 -5.23 26.65 22.82
N PRO C 30 -4.17 25.90 23.18
CA PRO C 30 -2.82 26.49 23.12
C PRO C 30 -2.31 26.87 21.74
N MET C 31 -2.81 26.23 20.66
CA MET C 31 -2.33 26.57 19.30
C MET C 31 -2.92 27.89 18.83
N LYS C 32 -2.05 28.88 18.62
CA LYS C 32 -2.46 30.23 18.23
C LYS C 32 -1.86 30.74 16.95
N PRO C 33 -2.57 30.61 15.82
CA PRO C 33 -2.04 31.10 14.55
C PRO C 33 -1.66 32.60 14.54
N HIS C 34 -2.15 33.37 15.50
CA HIS C 34 -1.81 34.79 15.64
C HIS C 34 -0.29 34.96 15.85
N ARG C 35 0.41 33.93 16.42
CA ARG C 35 1.87 33.97 16.61
C ARG C 35 2.61 34.16 15.26
N ILE C 36 2.02 33.71 14.15
N ILE C 36 2.03 33.71 14.14
CA ILE C 36 2.63 33.86 12.82
CA ILE C 36 2.67 33.87 12.83
C ILE C 36 2.58 35.32 12.39
C ILE C 36 2.59 35.33 12.39
N ARG C 37 1.47 36.01 12.68
CA ARG C 37 1.31 37.42 12.33
C ARG C 37 2.25 38.25 13.24
N MET C 38 2.39 37.88 14.53
CA MET C 38 3.31 38.58 15.44
C MET C 38 4.74 38.45 14.94
N THR C 39 5.11 37.24 14.47
CA THR C 39 6.45 37.00 13.95
C THR C 39 6.68 37.88 12.71
N HIS C 40 5.71 37.89 11.77
CA HIS C 40 5.78 38.65 10.52
C HIS C 40 5.97 40.16 10.79
N ASN C 41 5.17 40.70 11.70
CA ASN C 41 5.24 42.12 12.03
C ASN C 41 6.59 42.48 12.67
N LEU C 42 7.07 41.63 13.57
CA LEU C 42 8.36 41.87 14.20
C LEU C 42 9.50 41.85 13.15
N LEU C 43 9.51 40.85 12.24
CA LEU C 43 10.57 40.78 11.22
C LEU C 43 10.45 41.89 10.17
N LEU C 44 9.24 42.41 9.94
CA LEU C 44 9.03 43.51 9.01
C LEU C 44 9.66 44.78 9.62
N ASN C 45 9.43 45.00 10.93
CA ASN C 45 9.94 46.17 11.65
C ASN C 45 11.46 46.14 11.90
N TYR C 46 12.08 44.96 11.79
CA TYR C 46 13.53 44.84 11.93
C TYR C 46 14.26 45.12 10.58
N GLY C 47 13.50 45.22 9.48
CA GLY C 47 14.03 45.46 8.14
C GLY C 47 14.36 44.20 7.38
N LEU C 48 13.91 43.02 7.88
CA LEU C 48 14.19 41.74 7.27
C LEU C 48 13.30 41.39 6.09
N TYR C 49 12.02 41.84 6.14
CA TYR C 49 11.03 41.62 5.07
C TYR C 49 11.57 42.15 3.73
N ARG C 50 12.21 43.32 3.77
CA ARG C 50 12.81 44.02 2.64
C ARG C 50 13.93 43.20 1.98
N LYS C 51 14.69 42.45 2.77
CA LYS C 51 15.81 41.64 2.26
C LYS C 51 15.39 40.27 1.67
N MET C 52 14.12 39.87 1.85
CA MET C 52 13.63 38.59 1.35
C MET C 52 12.65 38.75 0.21
N GLU C 53 12.52 37.71 -0.62
CA GLU C 53 11.54 37.71 -1.68
C GLU C 53 10.28 37.20 -0.98
N ILE C 54 9.26 38.05 -0.87
CA ILE C 54 8.03 37.68 -0.16
C ILE C 54 6.97 37.16 -1.12
N TYR C 55 6.34 36.03 -0.76
CA TYR C 55 5.31 35.44 -1.59
C TYR C 55 4.10 35.08 -0.78
N ARG C 56 2.92 35.29 -1.36
CA ARG C 56 1.67 34.91 -0.72
C ARG C 56 1.42 33.52 -1.31
N PRO C 57 1.37 32.48 -0.46
CA PRO C 57 1.20 31.13 -1.00
C PRO C 57 -0.18 30.86 -1.55
N HIS C 58 -0.23 30.15 -2.66
CA HIS C 58 -1.49 29.73 -3.24
C HIS C 58 -2.02 28.60 -2.34
N LYS C 59 -3.33 28.53 -2.16
CA LYS C 59 -3.94 27.50 -1.35
C LYS C 59 -3.71 26.13 -1.98
N ALA C 60 -3.23 25.14 -1.19
CA ALA C 60 -3.02 23.79 -1.72
C ALA C 60 -4.40 23.20 -2.03
N THR C 61 -4.56 22.51 -3.16
CA THR C 61 -5.84 21.90 -3.50
C THR C 61 -6.04 20.59 -2.74
N ALA C 62 -7.32 20.16 -2.59
CA ALA C 62 -7.65 18.87 -1.97
C ALA C 62 -6.95 17.73 -2.75
N GLU C 63 -6.80 17.88 -4.07
CA GLU C 63 -6.13 16.92 -4.94
C GLU C 63 -4.66 16.80 -4.58
N GLU C 64 -3.97 17.93 -4.36
CA GLU C 64 -2.57 17.94 -3.95
C GLU C 64 -2.44 17.22 -2.58
N MET C 65 -3.40 17.48 -1.67
CA MET C 65 -3.37 16.83 -0.37
C MET C 65 -3.54 15.32 -0.45
N THR C 66 -4.32 14.80 -1.42
CA THR C 66 -4.50 13.36 -1.53
C THR C 66 -3.31 12.63 -2.15
N LYS C 67 -2.20 13.35 -2.47
CA LYS C 67 -0.98 12.63 -2.89
C LYS C 67 -0.48 11.80 -1.68
N TYR C 68 -0.87 12.19 -0.43
CA TYR C 68 -0.50 11.48 0.77
C TYR C 68 -1.73 11.07 1.58
N HIS C 69 -2.60 12.04 1.89
CA HIS C 69 -3.77 11.75 2.72
C HIS C 69 -4.86 11.00 1.98
N SER C 70 -5.68 10.24 2.71
CA SER C 70 -6.76 9.49 2.07
C SER C 70 -7.85 10.46 1.56
N ASP C 71 -8.59 10.04 0.51
CA ASP C 71 -9.66 10.88 -0.02
C ASP C 71 -10.75 11.09 1.01
N GLU C 72 -11.17 10.03 1.73
CA GLU C 72 -12.24 10.17 2.72
C GLU C 72 -11.85 11.17 3.80
N TYR C 73 -10.57 11.15 4.23
CA TYR C 73 -10.13 12.09 5.26
C TYR C 73 -10.15 13.55 4.78
N ILE C 74 -9.62 13.83 3.58
CA ILE C 74 -9.61 15.17 3.02
C ILE C 74 -11.04 15.65 2.74
N LYS C 75 -11.92 14.76 2.27
CA LYS C 75 -13.33 15.13 2.01
C LYS C 75 -13.99 15.55 3.32
N PHE C 76 -13.71 14.82 4.41
CA PHE C 76 -14.20 15.13 5.75
C PHE C 76 -13.70 16.52 6.16
N LEU C 77 -12.39 16.81 6.00
CA LEU C 77 -11.83 18.11 6.37
C LEU C 77 -12.48 19.25 5.58
N ARG C 78 -12.81 19.00 4.31
CA ARG C 78 -13.45 20.01 3.45
C ARG C 78 -14.92 20.24 3.82
N SER C 79 -15.57 19.26 4.42
CA SER C 79 -16.98 19.28 4.74
C SER C 79 -17.38 19.67 6.14
N ILE C 80 -16.59 19.29 7.15
CA ILE C 80 -16.94 19.55 8.55
C ILE C 80 -16.97 21.05 8.87
N ARG C 81 -17.94 21.45 9.69
CA ARG C 81 -18.14 22.83 10.11
C ARG C 81 -18.64 22.78 11.55
N PRO C 82 -18.40 23.84 12.35
CA PRO C 82 -18.92 23.84 13.73
C PRO C 82 -20.44 23.63 13.81
N ASP C 83 -21.21 24.09 12.81
CA ASP C 83 -22.67 23.93 12.86
C ASP C 83 -23.22 22.64 12.25
N ASN C 84 -22.34 21.73 11.78
CA ASN C 84 -22.83 20.46 11.21
C ASN C 84 -22.18 19.23 11.87
N MET C 85 -21.35 19.41 12.93
CA MET C 85 -20.66 18.31 13.63
C MET C 85 -21.52 17.13 14.05
N SER C 86 -22.80 17.35 14.43
CA SER C 86 -23.67 16.23 14.87
C SER C 86 -23.89 15.18 13.77
N GLU C 87 -23.83 15.59 12.50
CA GLU C 87 -23.99 14.68 11.38
C GLU C 87 -22.69 13.86 11.13
N TYR C 88 -21.54 14.26 11.69
CA TYR C 88 -20.26 13.60 11.47
C TYR C 88 -19.65 12.97 12.73
N SER C 89 -20.46 12.55 13.72
CA SER C 89 -19.92 11.96 14.95
C SER C 89 -19.06 10.71 14.70
N LYS C 90 -19.48 9.84 13.78
CA LYS C 90 -18.71 8.65 13.47
C LYS C 90 -17.39 9.01 12.78
N GLN C 91 -17.41 9.94 11.80
CA GLN C 91 -16.18 10.32 11.11
C GLN C 91 -15.23 11.10 12.03
N MET C 92 -15.76 11.85 13.01
CA MET C 92 -14.89 12.56 13.96
C MET C 92 -14.08 11.53 14.78
N GLN C 93 -14.71 10.41 15.17
CA GLN C 93 -14.02 9.37 15.93
C GLN C 93 -13.01 8.67 14.99
N ARG C 94 -13.41 8.39 13.76
CA ARG C 94 -12.52 7.73 12.79
C ARG C 94 -11.26 8.56 12.49
N PHE C 95 -11.43 9.88 12.39
CA PHE C 95 -10.33 10.77 12.00
C PHE C 95 -9.67 11.53 13.19
N ASN C 96 -10.06 11.20 14.43
CA ASN C 96 -9.52 11.83 15.64
C ASN C 96 -9.67 13.35 15.66
N VAL C 97 -10.86 13.81 15.27
CA VAL C 97 -11.15 15.21 15.30
C VAL C 97 -12.02 15.41 16.53
N GLY C 98 -11.52 16.22 17.46
CA GLY C 98 -12.20 16.44 18.73
C GLY C 98 -11.50 17.48 19.58
N GLU C 99 -10.95 17.09 20.77
CA GLU C 99 -10.34 18.08 21.65
C GLU C 99 -8.99 18.63 21.17
N ASP C 100 -7.98 17.76 20.93
CA ASP C 100 -6.68 18.28 20.46
C ASP C 100 -6.82 18.93 19.10
N CYS C 101 -7.65 18.33 18.21
CA CYS C 101 -7.84 18.86 16.87
C CYS C 101 -9.29 19.24 16.69
N PRO C 102 -9.68 20.44 17.14
CA PRO C 102 -11.07 20.84 17.05
C PRO C 102 -11.55 21.28 15.68
N VAL C 103 -12.88 21.34 15.52
CA VAL C 103 -13.48 21.83 14.32
C VAL C 103 -13.62 23.32 14.51
N PHE C 104 -12.98 24.12 13.68
CA PHE C 104 -13.09 25.57 13.78
C PHE C 104 -13.40 26.21 12.43
N ASP C 105 -13.92 27.45 12.44
CA ASP C 105 -14.25 28.17 11.21
C ASP C 105 -13.01 28.34 10.32
N GLY C 106 -13.15 27.96 9.06
CA GLY C 106 -12.06 28.08 8.10
C GLY C 106 -10.96 27.04 8.24
N LEU C 107 -11.23 25.94 8.98
CA LEU C 107 -10.25 24.85 9.18
C LEU C 107 -9.59 24.39 7.88
N PHE C 108 -10.40 24.11 6.84
CA PHE C 108 -9.86 23.65 5.57
C PHE C 108 -8.96 24.67 4.93
N GLU C 109 -9.39 25.94 4.94
CA GLU C 109 -8.59 27.04 4.38
C GLU C 109 -7.26 27.19 5.13
N PHE C 110 -7.27 27.02 6.45
CA PHE C 110 -6.05 27.07 7.26
C PHE C 110 -5.06 25.98 6.79
N CYS C 111 -5.55 24.75 6.60
CA CYS C 111 -4.72 23.64 6.11
C CYS C 111 -4.16 23.96 4.71
N GLN C 112 -5.00 24.57 3.85
CA GLN C 112 -4.60 24.93 2.50
C GLN C 112 -3.49 25.95 2.47
N LEU C 113 -3.51 26.94 3.36
CA LEU C 113 -2.49 27.99 3.36
C LEU C 113 -1.20 27.48 4.01
N SER C 114 -1.34 26.70 5.09
CA SER C 114 -0.20 26.11 5.80
C SER C 114 0.58 25.19 4.81
N THR C 115 -0.14 24.28 4.12
CA THR C 115 0.43 23.34 3.16
C THR C 115 0.94 24.06 1.92
N GLY C 116 0.15 25.01 1.41
CA GLY C 116 0.52 25.79 0.22
C GLY C 116 1.90 26.42 0.31
N GLY C 117 2.22 27.01 1.45
CA GLY C 117 3.52 27.62 1.66
C GLY C 117 4.66 26.63 1.65
N SER C 118 4.44 25.45 2.26
CA SER C 118 5.50 24.42 2.31
C SER C 118 5.74 23.82 0.92
N VAL C 119 4.68 23.48 0.20
CA VAL C 119 4.80 22.90 -1.13
C VAL C 119 5.41 23.93 -2.10
N ALA C 120 4.97 25.21 -2.02
CA ALA C 120 5.51 26.27 -2.88
C ALA C 120 7.01 26.46 -2.63
N GLY C 121 7.43 26.39 -1.36
CA GLY C 121 8.84 26.51 -1.01
C GLY C 121 9.65 25.37 -1.61
N ALA C 122 9.12 24.14 -1.53
CA ALA C 122 9.80 22.98 -2.12
C ALA C 122 9.92 23.14 -3.63
N VAL C 123 8.86 23.66 -4.30
CA VAL C 123 8.91 23.86 -5.77
C VAL C 123 9.99 24.90 -6.11
N LYS C 124 10.07 25.98 -5.31
CA LYS C 124 11.07 27.04 -5.52
C LYS C 124 12.50 26.47 -5.40
N LEU C 125 12.71 25.57 -4.43
CA LEU C 125 14.01 24.93 -4.22
C LEU C 125 14.31 23.96 -5.37
N ASN C 126 13.30 23.20 -5.84
CA ASN C 126 13.47 22.26 -6.95
C ASN C 126 13.89 22.99 -8.23
N ARG C 127 13.27 24.15 -8.49
CA ARG C 127 13.58 24.96 -9.67
C ARG C 127 14.90 25.74 -9.57
N GLN C 128 15.63 25.61 -8.44
CA GLN C 128 16.89 26.30 -8.16
C GLN C 128 16.74 27.83 -8.21
N GLN C 129 15.56 28.31 -7.82
CA GLN C 129 15.28 29.75 -7.81
C GLN C 129 15.53 30.40 -6.45
N THR C 130 15.96 29.61 -5.43
CA THR C 130 16.27 30.08 -4.09
C THR C 130 17.18 29.09 -3.37
N ASP C 131 17.89 29.56 -2.34
CA ASP C 131 18.76 28.70 -1.54
C ASP C 131 17.98 28.23 -0.28
N MET C 132 17.14 29.12 0.26
CA MET C 132 16.31 28.88 1.43
C MET C 132 14.88 29.33 1.15
N ALA C 133 13.92 28.58 1.69
CA ALA C 133 12.49 28.88 1.58
C ALA C 133 11.97 28.79 3.02
N VAL C 134 11.20 29.77 3.48
CA VAL C 134 10.70 29.80 4.85
C VAL C 134 9.20 29.82 4.89
N ASN C 135 8.59 28.96 5.72
CA ASN C 135 7.13 28.94 5.88
C ASN C 135 6.83 28.71 7.36
N TRP C 136 6.73 29.81 8.16
CA TRP C 136 6.46 29.66 9.58
C TRP C 136 5.06 29.10 9.87
N ALA C 137 4.13 29.12 8.88
CA ALA C 137 2.80 28.55 9.09
C ALA C 137 2.78 27.00 8.93
N GLY C 138 3.87 26.41 8.45
CA GLY C 138 3.96 24.97 8.27
C GLY C 138 4.63 24.28 9.44
N GLY C 139 5.04 23.02 9.23
CA GLY C 139 5.69 22.22 10.26
C GLY C 139 4.74 21.43 11.13
N LEU C 140 3.53 21.13 10.61
CA LEU C 140 2.53 20.40 11.36
C LEU C 140 2.75 18.88 11.26
N HIS C 141 3.84 18.45 11.89
CA HIS C 141 4.41 17.13 11.82
C HIS C 141 3.62 15.94 12.38
N HIS C 142 2.48 16.11 13.09
CA HIS C 142 1.78 14.93 13.64
C HIS C 142 0.69 14.35 12.72
N ALA C 143 0.21 15.13 11.73
CA ALA C 143 -0.89 14.65 10.87
C ALA C 143 -0.55 13.34 10.18
N LYS C 144 -1.50 12.38 10.20
CA LYS C 144 -1.31 11.05 9.60
C LYS C 144 -2.15 10.92 8.31
N LYS C 145 -1.95 9.84 7.54
CA LYS C 145 -2.66 9.65 6.27
C LYS C 145 -4.17 9.86 6.38
N SER C 146 -4.76 9.27 7.42
CA SER C 146 -6.20 9.37 7.61
C SER C 146 -6.52 9.67 9.06
N GLU C 147 -5.77 10.61 9.67
CA GLU C 147 -6.03 10.96 11.06
C GLU C 147 -5.41 12.30 11.42
N ALA C 148 -6.19 13.15 12.09
CA ALA C 148 -5.70 14.41 12.64
C ALA C 148 -4.99 14.01 13.95
N SER C 149 -3.98 14.78 14.36
CA SER C 149 -3.28 14.48 15.59
C SER C 149 -2.50 15.66 16.09
N GLY C 150 -2.50 15.87 17.41
CA GLY C 150 -1.72 16.91 18.04
C GLY C 150 -1.71 18.27 17.37
N PHE C 151 -2.93 18.82 17.17
CA PHE C 151 -3.19 20.14 16.59
C PHE C 151 -2.93 20.23 15.08
N CYS C 152 -2.54 19.12 14.43
CA CYS C 152 -2.19 19.02 13.01
C CYS C 152 -3.27 18.25 12.26
N TYR C 153 -3.65 18.74 11.07
CA TYR C 153 -4.68 18.06 10.28
C TYR C 153 -4.11 17.59 8.96
N VAL C 154 -3.32 18.41 8.30
CA VAL C 154 -2.72 18.06 7.02
C VAL C 154 -1.20 18.13 7.20
N ASN C 155 -0.51 17.07 6.77
CA ASN C 155 0.93 17.01 6.94
C ASN C 155 1.63 17.75 5.83
N ASP C 156 1.76 19.08 6.01
CA ASP C 156 2.42 19.92 5.00
C ASP C 156 3.88 19.46 4.75
N ILE C 157 4.55 18.94 5.80
CA ILE C 157 5.94 18.49 5.69
C ILE C 157 6.07 17.32 4.75
N VAL C 158 5.24 16.29 4.92
CA VAL C 158 5.29 15.12 4.04
C VAL C 158 4.99 15.54 2.60
N LEU C 159 3.98 16.41 2.40
CA LEU C 159 3.66 16.89 1.05
C LEU C 159 4.83 17.66 0.42
N ALA C 160 5.53 18.48 1.22
CA ALA C 160 6.69 19.22 0.72
C ALA C 160 7.84 18.27 0.40
N ILE C 161 8.02 17.21 1.22
CA ILE C 161 9.09 16.24 0.97
C ILE C 161 8.81 15.43 -0.28
N LEU C 162 7.54 15.03 -0.51
CA LEU C 162 7.20 14.29 -1.74
C LEU C 162 7.52 15.18 -2.97
N GLU C 163 7.27 16.49 -2.85
CA GLU C 163 7.62 17.43 -3.93
C GLU C 163 9.14 17.50 -4.12
N LEU C 164 9.92 17.62 -3.02
CA LEU C 164 11.39 17.64 -3.11
C LEU C 164 11.98 16.37 -3.74
N LEU C 165 11.35 15.21 -3.48
CA LEU C 165 11.78 13.91 -3.98
C LEU C 165 11.71 13.78 -5.51
N LYS C 166 11.05 14.70 -6.20
CA LYS C 166 10.99 14.67 -7.66
C LYS C 166 12.35 15.09 -8.24
N TYR C 167 13.09 15.99 -7.54
CA TYR C 167 14.37 16.51 -8.01
C TYR C 167 15.57 16.11 -7.13
N HIS C 168 15.31 15.52 -5.95
CA HIS C 168 16.38 15.14 -5.03
C HIS C 168 16.31 13.67 -4.66
N GLN C 169 17.41 12.93 -4.88
CA GLN C 169 17.47 11.50 -4.56
C GLN C 169 17.33 11.23 -3.05
N ARG C 170 17.99 12.06 -2.25
CA ARG C 170 17.98 11.93 -0.79
C ARG C 170 17.62 13.24 -0.12
N VAL C 171 16.64 13.20 0.79
CA VAL C 171 16.20 14.38 1.53
C VAL C 171 16.38 14.15 3.03
N LEU C 172 16.93 15.14 3.75
CA LEU C 172 17.12 14.99 5.19
C LEU C 172 16.10 15.86 5.91
N TYR C 173 15.37 15.27 6.86
CA TYR C 173 14.39 16.01 7.64
C TYR C 173 14.93 16.07 9.09
N ILE C 174 15.05 17.28 9.65
CA ILE C 174 15.52 17.47 11.03
C ILE C 174 14.39 18.16 11.77
N ASP C 175 14.06 17.68 12.95
CA ASP C 175 12.93 18.21 13.73
C ASP C 175 13.38 18.58 15.15
N ILE C 176 13.42 19.88 15.48
CA ILE C 176 13.83 20.36 16.81
C ILE C 176 12.64 20.81 17.68
N ASP C 177 11.40 20.44 17.28
CA ASP C 177 10.22 20.68 18.10
C ASP C 177 10.40 19.80 19.36
N ILE C 178 9.81 20.18 20.51
CA ILE C 178 9.95 19.35 21.71
C ILE C 178 9.20 18.01 21.58
N HIS C 179 8.22 17.93 20.66
CA HIS C 179 7.45 16.70 20.45
C HIS C 179 8.04 15.87 19.30
N HIS C 180 7.99 14.54 19.41
CA HIS C 180 8.52 13.64 18.35
C HIS C 180 7.75 13.89 17.03
N GLY C 181 8.46 13.99 15.90
CA GLY C 181 7.84 14.21 14.59
C GLY C 181 7.32 12.88 14.03
N ASP C 182 6.33 12.29 14.71
CA ASP C 182 5.81 10.98 14.36
C ASP C 182 5.17 10.86 12.99
N GLY C 183 4.39 11.84 12.56
CA GLY C 183 3.72 11.76 11.27
C GLY C 183 4.70 11.71 10.11
N VAL C 184 5.77 12.50 10.22
CA VAL C 184 6.81 12.53 9.18
C VAL C 184 7.63 11.24 9.22
N GLU C 185 8.03 10.83 10.43
CA GLU C 185 8.78 9.57 10.57
C GLU C 185 7.98 8.37 9.99
N GLU C 186 6.68 8.27 10.30
CA GLU C 186 5.84 7.18 9.83
C GLU C 186 5.69 7.19 8.30
N ALA C 187 5.52 8.38 7.70
CA ALA C 187 5.38 8.50 6.24
C ALA C 187 6.57 7.90 5.50
N PHE C 188 7.80 8.12 6.03
CA PHE C 188 9.01 7.66 5.36
C PHE C 188 9.76 6.50 6.08
N TYR C 189 9.09 5.85 7.03
CA TYR C 189 9.69 4.79 7.83
C TYR C 189 10.34 3.67 7.06
N THR C 190 9.78 3.32 5.87
CA THR C 190 10.34 2.20 5.11
C THR C 190 11.11 2.62 3.87
N THR C 191 11.56 3.88 3.79
CA THR C 191 12.36 4.31 2.65
C THR C 191 13.71 4.87 3.08
N ASP C 192 14.69 4.68 2.22
CA ASP C 192 16.02 5.24 2.44
C ASP C 192 16.18 6.59 1.69
N ARG C 193 15.14 7.03 0.94
CA ARG C 193 15.19 8.30 0.22
C ARG C 193 14.96 9.51 1.13
N VAL C 194 14.50 9.28 2.36
CA VAL C 194 14.32 10.32 3.35
C VAL C 194 14.88 9.83 4.66
N MET C 195 15.75 10.63 5.30
CA MET C 195 16.25 10.29 6.63
C MET C 195 15.52 11.26 7.57
N THR C 196 14.92 10.76 8.65
CA THR C 196 14.22 11.63 9.60
C THR C 196 15.04 11.65 10.90
N VAL C 197 15.28 12.82 11.45
CA VAL C 197 16.07 12.97 12.68
C VAL C 197 15.26 13.83 13.63
N SER C 198 14.87 13.28 14.77
CA SER C 198 14.06 14.01 15.75
C SER C 198 14.73 14.06 17.12
N PHE C 199 14.82 15.26 17.71
CA PHE C 199 15.35 15.47 19.06
C PHE C 199 14.10 15.89 19.83
N HIS C 200 13.73 15.16 20.88
CA HIS C 200 12.47 15.45 21.57
C HIS C 200 12.38 14.92 22.98
N LYS C 201 11.44 15.46 23.76
CA LYS C 201 11.20 14.96 25.09
C LYS C 201 10.51 13.60 24.94
N TYR C 202 10.99 12.60 25.69
CA TYR C 202 10.46 11.25 25.65
C TYR C 202 10.24 10.73 27.06
N GLY C 203 9.06 10.17 27.31
CA GLY C 203 8.68 9.62 28.61
C GLY C 203 7.55 10.42 29.21
N GLU C 204 6.33 9.80 29.34
CA GLU C 204 5.10 10.45 29.86
C GLU C 204 4.88 11.76 29.12
N TYR C 205 4.94 11.68 27.77
CA TYR C 205 4.81 12.88 26.96
C TYR C 205 4.33 12.54 25.57
N PHE C 206 3.40 13.33 25.06
CA PHE C 206 2.82 13.17 23.73
C PHE C 206 3.91 13.24 22.66
N PRO C 207 3.85 12.40 21.60
CA PRO C 207 2.84 11.36 21.32
C PRO C 207 3.16 9.96 21.83
N GLY C 208 4.20 9.82 22.64
CA GLY C 208 4.56 8.51 23.19
C GLY C 208 5.51 7.69 22.34
N THR C 209 5.91 8.22 21.18
CA THR C 209 6.78 7.55 20.22
C THR C 209 8.17 8.23 20.13
N GLY C 210 9.05 7.68 19.29
CA GLY C 210 10.37 8.24 19.11
C GLY C 210 11.35 7.66 20.11
N ASP C 211 11.24 6.36 20.35
CA ASP C 211 12.15 5.67 21.25
C ASP C 211 13.51 5.53 20.55
N LEU C 212 14.58 5.39 21.36
CA LEU C 212 15.93 5.18 20.84
C LEU C 212 15.99 4.00 19.84
N ARG C 213 15.19 2.95 20.08
CA ARG C 213 15.14 1.72 19.26
C ARG C 213 14.38 1.86 17.94
N ASP C 214 13.66 2.97 17.75
CA ASP C 214 12.90 3.18 16.51
C ASP C 214 13.84 3.72 15.45
N ILE C 215 14.38 2.82 14.61
CA ILE C 215 15.36 3.21 13.60
C ILE C 215 14.92 2.97 12.16
N GLY C 216 13.66 2.65 11.94
CA GLY C 216 13.18 2.40 10.57
C GLY C 216 13.00 0.92 10.30
N ALA C 217 12.37 0.58 9.14
CA ALA C 217 12.15 -0.82 8.76
C ALA C 217 12.34 -1.00 7.24
N GLY C 218 12.57 -2.24 6.79
CA GLY C 218 12.81 -2.53 5.38
C GLY C 218 14.01 -1.77 4.87
N LYS C 219 13.90 -1.17 3.66
CA LYS C 219 14.99 -0.35 3.11
C LYS C 219 15.29 0.90 3.98
N GLY C 220 14.35 1.30 4.82
CA GLY C 220 14.50 2.44 5.70
C GLY C 220 15.17 2.12 7.02
N LYS C 221 15.63 0.87 7.23
CA LYS C 221 16.31 0.49 8.47
C LYS C 221 17.60 1.31 8.57
N TYR C 222 17.77 2.02 9.71
CA TYR C 222 18.86 2.95 10.03
C TYR C 222 18.62 4.37 9.45
N TYR C 223 17.48 4.60 8.77
CA TYR C 223 17.19 5.91 8.20
C TYR C 223 16.21 6.73 9.04
N ALA C 224 15.90 6.30 10.26
CA ALA C 224 15.09 7.08 11.20
C ALA C 224 15.98 7.17 12.45
N VAL C 225 16.18 8.37 12.96
CA VAL C 225 17.05 8.64 14.11
C VAL C 225 16.24 9.38 15.18
N ASN C 226 16.27 8.89 16.42
CA ASN C 226 15.53 9.52 17.50
C ASN C 226 16.47 9.77 18.67
N PHE C 227 16.44 10.98 19.21
CA PHE C 227 17.27 11.32 20.36
C PHE C 227 16.29 11.65 21.45
N PRO C 228 15.93 10.65 22.28
CA PRO C 228 14.97 10.91 23.35
C PRO C 228 15.64 11.68 24.51
N MET C 229 15.00 12.73 24.98
CA MET C 229 15.53 13.60 26.03
C MET C 229 14.61 13.70 27.23
N ARG C 230 15.17 14.12 28.37
CA ARG C 230 14.41 14.32 29.58
C ARG C 230 14.23 15.85 29.80
N ASP C 231 13.46 16.27 30.81
CA ASP C 231 13.23 17.69 31.09
C ASP C 231 14.49 18.52 31.30
N GLY C 232 14.38 19.82 31.05
CA GLY C 232 15.41 20.80 31.32
C GLY C 232 16.68 20.85 30.53
N ILE C 233 16.74 20.25 29.32
CA ILE C 233 17.97 20.34 28.51
C ILE C 233 18.31 21.80 28.22
N ASP C 234 19.59 22.18 28.32
CA ASP C 234 20.01 23.58 28.11
C ASP C 234 20.80 23.79 26.82
N ASP C 235 21.16 25.04 26.50
CA ASP C 235 21.91 25.39 25.29
C ASP C 235 23.19 24.57 25.14
N GLU C 236 24.01 24.50 26.21
CA GLU C 236 25.26 23.76 26.20
C GLU C 236 25.06 22.28 25.89
N SER C 237 24.17 21.60 26.63
CA SER C 237 23.94 20.17 26.43
C SER C 237 23.32 19.85 25.07
N TYR C 238 22.37 20.67 24.63
CA TYR C 238 21.70 20.44 23.34
C TYR C 238 22.69 20.67 22.20
N GLY C 239 23.46 21.75 22.28
CA GLY C 239 24.44 22.10 21.25
C GLY C 239 25.51 21.05 21.09
N GLN C 240 25.92 20.41 22.19
CA GLN C 240 26.95 19.38 22.20
C GLN C 240 26.51 18.05 21.57
N ILE C 241 25.20 17.86 21.38
CA ILE C 241 24.73 16.63 20.74
C ILE C 241 24.22 16.93 19.32
N PHE C 242 23.61 18.11 19.11
CA PHE C 242 23.06 18.47 17.81
C PHE C 242 24.14 18.54 16.73
N LYS C 243 25.22 19.32 16.94
CA LYS C 243 26.27 19.45 15.94
C LYS C 243 26.96 18.10 15.60
N PRO C 244 27.45 17.30 16.57
CA PRO C 244 28.08 16.01 16.22
C PRO C 244 27.14 15.05 15.51
N ILE C 245 25.87 14.94 15.96
CA ILE C 245 24.90 14.04 15.33
C ILE C 245 24.61 14.48 13.90
N ILE C 246 24.27 15.77 13.71
CA ILE C 246 23.97 16.27 12.36
C ILE C 246 25.19 16.18 11.43
N SER C 247 26.41 16.44 11.95
CA SER C 247 27.60 16.32 11.10
C SER C 247 27.81 14.87 10.66
N LYS C 248 27.59 13.89 11.54
CA LYS C 248 27.74 12.48 11.19
C LYS C 248 26.65 12.10 10.17
N VAL C 249 25.41 12.57 10.40
CA VAL C 249 24.30 12.32 9.46
C VAL C 249 24.68 12.87 8.05
N MET C 250 25.18 14.11 7.96
CA MET C 250 25.55 14.73 6.69
C MET C 250 26.64 13.91 5.97
N GLU C 251 27.65 13.48 6.74
CA GLU C 251 28.76 12.69 6.22
C GLU C 251 28.30 11.35 5.61
N MET C 252 27.53 10.56 6.37
CA MET C 252 27.04 9.24 6.00
C MET C 252 25.90 9.24 4.99
N TYR C 253 24.95 10.18 5.11
CA TYR C 253 23.78 10.19 4.24
C TYR C 253 23.93 11.04 2.98
N GLN C 254 24.72 12.12 3.04
CA GLN C 254 24.94 13.00 1.90
C GLN C 254 23.64 13.45 1.20
N PRO C 255 22.74 14.11 1.93
CA PRO C 255 21.48 14.54 1.32
C PRO C 255 21.66 15.70 0.34
N SER C 256 20.74 15.86 -0.62
CA SER C 256 20.82 16.98 -1.55
C SER C 256 19.81 18.10 -1.24
N ALA C 257 18.97 17.91 -0.22
CA ALA C 257 18.01 18.92 0.23
C ALA C 257 17.71 18.65 1.71
N VAL C 258 17.43 19.70 2.47
CA VAL C 258 17.16 19.57 3.89
C VAL C 258 15.88 20.29 4.24
N VAL C 259 15.06 19.68 5.12
CA VAL C 259 13.84 20.29 5.64
C VAL C 259 14.03 20.36 7.15
N LEU C 260 13.97 21.56 7.70
CA LEU C 260 14.17 21.76 9.13
C LEU C 260 12.89 22.29 9.76
N GLN C 261 12.30 21.51 10.67
CA GLN C 261 11.09 21.89 11.40
C GLN C 261 11.64 22.59 12.65
N CYS C 262 11.34 23.88 12.82
CA CYS C 262 11.84 24.76 13.87
C CYS C 262 10.89 25.01 15.02
N GLY C 263 10.17 23.97 15.47
CA GLY C 263 9.22 24.07 16.59
C GLY C 263 9.81 24.79 17.78
N ALA C 264 9.18 25.93 18.15
CA ALA C 264 9.68 26.79 19.22
C ALA C 264 9.25 26.40 20.63
N ASP C 265 8.57 25.25 20.78
CA ASP C 265 8.16 24.77 22.08
C ASP C 265 9.30 24.10 22.87
N SER C 266 10.50 24.00 22.28
CA SER C 266 11.70 23.51 22.95
C SER C 266 12.41 24.69 23.70
N LEU C 267 11.83 25.91 23.67
CA LEU C 267 12.40 27.06 24.36
C LEU C 267 11.99 27.06 25.83
N SER C 268 12.83 27.70 26.66
CA SER C 268 12.56 27.88 28.07
C SER C 268 11.28 28.75 28.19
N GLY C 269 10.42 28.44 29.15
CA GLY C 269 9.19 29.20 29.37
C GLY C 269 7.99 28.82 28.52
N ASP C 270 8.13 27.77 27.69
CA ASP C 270 6.99 27.34 26.84
C ASP C 270 5.83 26.78 27.66
N ARG C 271 4.59 27.15 27.32
CA ARG C 271 3.39 26.68 28.04
C ARG C 271 3.22 25.16 28.09
N LEU C 272 3.60 24.45 27.02
CA LEU C 272 3.47 22.99 26.99
C LEU C 272 4.80 22.25 27.11
N GLY C 273 5.89 22.91 26.76
CA GLY C 273 7.22 22.31 26.80
C GLY C 273 7.96 22.45 28.11
N CYS C 274 8.94 21.58 28.33
CA CYS C 274 9.74 21.55 29.55
C CYS C 274 11.25 21.51 29.25
N PHE C 275 11.69 22.15 28.17
CA PHE C 275 13.10 22.26 27.82
C PHE C 275 13.58 23.67 28.29
N ASN C 276 14.91 23.90 28.31
CA ASN C 276 15.44 25.18 28.78
C ASN C 276 16.32 25.90 27.78
N LEU C 277 16.00 25.82 26.49
CA LEU C 277 16.80 26.50 25.48
C LEU C 277 16.50 27.98 25.40
N THR C 278 17.47 28.77 24.98
CA THR C 278 17.24 30.19 24.74
C THR C 278 17.03 30.33 23.21
N VAL C 279 16.65 31.52 22.71
CA VAL C 279 16.48 31.75 21.28
C VAL C 279 17.82 31.50 20.57
N LYS C 280 18.95 31.90 21.19
CA LYS C 280 20.26 31.65 20.61
C LYS C 280 20.60 30.16 20.54
N GLY C 281 20.23 29.40 21.56
CA GLY C 281 20.49 27.97 21.58
C GLY C 281 19.68 27.22 20.53
N HIS C 282 18.42 27.65 20.35
CA HIS C 282 17.52 27.09 19.36
C HIS C 282 18.03 27.46 17.96
N ALA C 283 18.36 28.76 17.73
CA ALA C 283 18.85 29.25 16.42
C ALA C 283 20.19 28.68 16.03
N LYS C 284 20.98 28.17 17.01
CA LYS C 284 22.26 27.53 16.70
C LYS C 284 22.03 26.33 15.74
N CYS C 285 20.88 25.64 15.89
CA CYS C 285 20.51 24.52 15.01
C CYS C 285 20.40 24.98 13.56
N VAL C 286 19.80 26.16 13.32
CA VAL C 286 19.69 26.71 11.98
C VAL C 286 21.09 27.04 11.43
N GLU C 287 21.93 27.63 12.26
CA GLU C 287 23.31 27.99 11.90
C GLU C 287 24.11 26.76 11.48
N VAL C 288 24.03 25.68 12.27
CA VAL C 288 24.76 24.44 11.97
C VAL C 288 24.30 23.87 10.63
N VAL C 289 22.98 23.78 10.43
CA VAL C 289 22.43 23.25 9.17
C VAL C 289 22.89 24.09 7.97
N LYS C 290 22.90 25.42 8.11
CA LYS C 290 23.33 26.31 7.03
C LYS C 290 24.77 26.06 6.55
N THR C 291 25.70 25.66 7.45
CA THR C 291 27.10 25.39 7.10
C THR C 291 27.29 24.32 6.02
N PHE C 292 26.30 23.44 5.82
CA PHE C 292 26.43 22.39 4.81
C PHE C 292 26.08 22.86 3.37
N ASN C 293 25.61 24.11 3.22
CA ASN C 293 25.28 24.75 1.93
C ASN C 293 24.36 23.91 1.03
N LEU C 294 23.26 23.39 1.60
CA LEU C 294 22.30 22.60 0.84
C LEU C 294 20.98 23.36 0.73
N PRO C 295 20.17 23.12 -0.35
CA PRO C 295 18.82 23.74 -0.43
C PRO C 295 18.07 23.42 0.86
N LEU C 296 17.51 24.44 1.52
CA LEU C 296 16.89 24.30 2.82
C LEU C 296 15.50 24.88 2.91
N LEU C 297 14.56 24.07 3.41
CA LEU C 297 13.19 24.51 3.63
C LEU C 297 13.03 24.60 5.15
N MET C 298 12.82 25.81 5.69
CA MET C 298 12.66 26.01 7.12
C MET C 298 11.18 26.18 7.41
N LEU C 299 10.65 25.38 8.34
CA LEU C 299 9.23 25.40 8.69
C LEU C 299 9.01 25.69 10.17
N GLY C 300 7.79 26.11 10.52
CA GLY C 300 7.44 26.35 11.91
C GLY C 300 7.08 25.05 12.62
N GLY C 301 6.13 25.13 13.53
CA GLY C 301 5.68 23.95 14.27
C GLY C 301 5.09 24.40 15.58
N GLY C 302 5.44 23.74 16.66
CA GLY C 302 4.97 24.09 17.99
C GLY C 302 5.51 25.43 18.46
N GLY C 303 5.07 25.85 19.63
CA GLY C 303 5.46 27.14 20.20
C GLY C 303 4.21 27.70 20.81
N TYR C 304 4.11 27.71 22.15
CA TYR C 304 2.86 28.08 22.82
C TYR C 304 2.96 29.30 23.77
N THR C 305 4.15 29.90 23.93
CA THR C 305 4.31 31.16 24.70
C THR C 305 4.60 32.07 23.51
N ILE C 306 3.53 32.57 22.88
CA ILE C 306 3.59 33.27 21.60
C ILE C 306 4.56 34.46 21.52
N ARG C 307 4.81 35.23 22.60
CA ARG C 307 5.79 36.34 22.50
C ARG C 307 7.21 35.76 22.24
N ASN C 308 7.51 34.57 22.80
CA ASN C 308 8.80 33.90 22.60
C ASN C 308 8.89 33.23 21.24
N VAL C 309 7.76 32.82 20.66
CA VAL C 309 7.74 32.24 19.31
C VAL C 309 8.10 33.34 18.33
N ALA C 310 7.49 34.54 18.48
CA ALA C 310 7.80 35.66 17.59
C ALA C 310 9.29 36.01 17.66
N ARG C 311 9.86 36.01 18.86
CA ARG C 311 11.29 36.30 19.03
C ARG C 311 12.16 35.25 18.32
N CYS C 312 11.85 33.97 18.56
CA CYS C 312 12.59 32.85 18.00
C CYS C 312 12.59 32.82 16.48
N TRP C 313 11.41 32.88 15.85
CA TRP C 313 11.33 32.79 14.40
C TRP C 313 11.83 34.07 13.72
N THR C 314 11.74 35.24 14.40
CA THR C 314 12.30 36.48 13.84
C THR C 314 13.83 36.31 13.79
N TYR C 315 14.42 35.83 14.89
CA TYR C 315 15.88 35.62 14.96
C TYR C 315 16.34 34.56 13.97
N GLU C 316 15.57 33.48 13.81
CA GLU C 316 15.94 32.43 12.85
C GLU C 316 15.80 32.92 11.40
N THR C 317 14.92 33.90 11.13
CA THR C 317 14.80 34.46 9.79
C THR C 317 16.07 35.31 9.55
N ALA C 318 16.54 36.06 10.57
CA ALA C 318 17.75 36.88 10.51
C ALA C 318 18.95 35.96 10.28
N VAL C 319 18.97 34.76 10.92
CA VAL C 319 20.06 33.79 10.74
C VAL C 319 20.05 33.33 9.27
N ALA C 320 18.86 32.99 8.72
CA ALA C 320 18.76 32.58 7.31
C ALA C 320 19.31 33.67 6.36
N LEU C 321 19.03 34.93 6.66
CA LEU C 321 19.51 36.05 5.87
C LEU C 321 20.96 36.46 6.19
N ASP C 322 21.59 35.85 7.21
CA ASP C 322 22.96 36.19 7.67
C ASP C 322 23.04 37.70 7.98
N CYS C 323 21.97 38.22 8.60
CA CYS C 323 21.88 39.63 8.95
CA CYS C 323 21.87 39.64 8.95
C CYS C 323 21.81 39.78 10.46
N GLU C 324 22.78 40.51 11.05
CA GLU C 324 22.78 40.71 12.49
C GLU C 324 21.66 41.68 12.84
N ILE C 325 20.91 41.40 13.90
CA ILE C 325 19.83 42.29 14.34
C ILE C 325 20.05 42.66 15.81
N PRO C 326 19.75 43.91 16.20
CA PRO C 326 19.98 44.31 17.61
C PRO C 326 19.05 43.66 18.62
N ASN C 327 19.53 43.54 19.85
CA ASN C 327 18.75 42.96 20.95
C ASN C 327 17.54 43.85 21.31
N GLU C 328 17.62 45.16 21.05
CA GLU C 328 16.53 46.08 21.34
C GLU C 328 15.47 45.90 20.27
N LEU C 329 14.27 45.46 20.67
CA LEU C 329 13.19 45.26 19.71
C LEU C 329 12.78 46.56 19.07
N PRO C 330 12.55 46.56 17.76
CA PRO C 330 12.08 47.79 17.12
C PRO C 330 10.61 48.00 17.49
N TYR C 331 10.09 49.18 17.19
CA TYR C 331 8.68 49.47 17.45
C TYR C 331 7.86 48.58 16.51
N ASN C 332 6.74 48.03 17.00
CA ASN C 332 5.89 47.17 16.19
C ASN C 332 4.44 47.16 16.71
N ASP C 333 3.51 46.57 15.93
CA ASP C 333 2.08 46.47 16.27
C ASP C 333 1.79 45.74 17.56
N TYR C 334 2.74 44.95 18.08
CA TYR C 334 2.55 44.19 19.32
C TYR C 334 3.59 44.53 20.37
N PHE C 335 4.22 45.73 20.28
CA PHE C 335 5.28 46.17 21.18
C PHE C 335 5.00 45.90 22.65
N GLU C 336 3.79 46.24 23.11
CA GLU C 336 3.36 46.06 24.49
C GLU C 336 3.48 44.61 25.00
N TYR C 337 3.33 43.60 24.11
CA TYR C 337 3.41 42.18 24.47
C TYR C 337 4.85 41.76 24.90
N PHE C 338 5.86 42.56 24.55
CA PHE C 338 7.25 42.24 24.87
C PHE C 338 7.83 42.94 26.11
N GLY C 339 6.97 43.61 26.88
CA GLY C 339 7.40 44.31 28.08
C GLY C 339 7.75 43.42 29.25
N PRO C 340 8.41 43.95 30.31
CA PRO C 340 8.83 45.35 30.51
C PRO C 340 10.19 45.71 29.96
N ASP C 341 10.98 44.73 29.47
CA ASP C 341 12.33 45.04 28.96
C ASP C 341 12.40 45.23 27.45
N PHE C 342 11.46 44.67 26.69
CA PHE C 342 11.39 44.83 25.24
C PHE C 342 12.66 44.39 24.51
N LYS C 343 13.21 43.22 24.87
CA LYS C 343 14.41 42.68 24.23
C LYS C 343 14.09 41.43 23.40
N LEU C 344 14.95 41.11 22.42
CA LEU C 344 14.78 39.97 21.52
C LEU C 344 15.18 38.66 22.20
N HIS C 345 16.30 38.68 22.93
CA HIS C 345 16.79 37.48 23.56
C HIS C 345 16.24 37.27 24.97
N ILE C 346 16.02 36.00 25.31
CA ILE C 346 15.47 35.60 26.60
C ILE C 346 16.55 34.92 27.45
N SER C 347 16.32 34.91 28.75
CA SER C 347 17.24 34.25 29.67
C SER C 347 16.67 32.87 29.98
N PRO C 348 17.53 31.84 30.13
CA PRO C 348 17.00 30.52 30.52
C PRO C 348 16.51 30.59 31.97
N SER C 349 15.71 29.60 32.36
CA SER C 349 15.20 29.53 33.72
C SER C 349 16.23 28.76 34.60
N ASN C 350 15.94 28.60 35.89
CA ASN C 350 16.82 27.86 36.81
C ASN C 350 16.40 26.38 36.93
N MET C 351 15.52 25.87 36.02
CA MET C 351 15.08 24.48 36.08
C MET C 351 16.25 23.52 35.98
N THR C 352 16.12 22.38 36.65
CA THR C 352 17.15 21.36 36.67
C THR C 352 17.20 20.58 35.35
N ASN C 353 18.42 20.41 34.81
CA ASN C 353 18.61 19.65 33.58
C ASN C 353 18.62 18.17 34.01
N GLN C 354 17.56 17.43 33.67
CA GLN C 354 17.47 16.02 34.06
C GLN C 354 18.26 15.06 33.16
N ASN C 355 18.92 15.59 32.12
CA ASN C 355 19.73 14.79 31.21
C ASN C 355 21.15 14.76 31.76
N THR C 356 21.52 13.66 32.41
CA THR C 356 22.87 13.57 32.96
C THR C 356 23.90 13.41 31.83
N PRO C 357 25.18 13.79 32.08
CA PRO C 357 26.21 13.57 31.06
C PRO C 357 26.31 12.09 30.67
N GLU C 358 26.14 11.17 31.64
CA GLU C 358 26.20 9.74 31.35
C GLU C 358 25.09 9.34 30.36
N TYR C 359 23.87 9.84 30.60
CA TYR C 359 22.71 9.53 29.77
C TYR C 359 22.94 10.05 28.35
N MET C 360 23.32 11.32 28.21
CA MET C 360 23.56 11.94 26.91
C MET C 360 24.64 11.20 26.11
N GLU C 361 25.73 10.79 26.78
CA GLU C 361 26.81 10.08 26.11
C GLU C 361 26.35 8.72 25.60
N LYS C 362 25.52 8.02 26.39
CA LYS C 362 25.00 6.70 26.05
C LYS C 362 24.11 6.81 24.77
N ILE C 363 23.24 7.82 24.71
CA ILE C 363 22.37 7.99 23.53
C ILE C 363 23.21 8.35 22.30
N LYS C 364 24.13 9.32 22.46
CA LYS C 364 25.00 9.74 21.36
C LYS C 364 25.83 8.56 20.82
N GLN C 365 26.34 7.69 21.71
CA GLN C 365 27.12 6.53 21.24
C GLN C 365 26.27 5.55 20.46
N ARG C 366 25.04 5.31 20.92
CA ARG C 366 24.13 4.43 20.21
C ARG C 366 23.80 4.99 18.82
N LEU C 367 23.56 6.31 18.72
CA LEU C 367 23.24 6.92 17.42
C LEU C 367 24.42 6.84 16.48
N PHE C 368 25.63 7.04 16.99
CA PHE C 368 26.83 6.94 16.15
C PHE C 368 27.00 5.52 15.63
N GLU C 369 26.68 4.51 16.46
CA GLU C 369 26.75 3.10 16.07
C GLU C 369 25.74 2.85 14.95
N ASN C 370 24.50 3.37 15.10
CA ASN C 370 23.46 3.20 14.07
C ASN C 370 23.84 3.90 12.78
N LEU C 371 24.45 5.09 12.87
CA LEU C 371 24.88 5.84 11.70
C LEU C 371 26.00 5.13 10.93
N ARG C 372 26.83 4.34 11.63
N ARG C 372 26.83 4.34 11.63
CA ARG C 372 27.89 3.59 10.96
CA ARG C 372 27.90 3.58 10.97
C ARG C 372 27.34 2.41 10.12
C ARG C 372 27.33 2.43 10.11
N MET C 373 26.10 1.96 10.41
CA MET C 373 25.44 0.87 9.68
C MET C 373 24.97 1.28 8.27
N LEU C 374 24.99 2.59 7.95
CA LEU C 374 24.59 3.11 6.64
C LEU C 374 25.64 2.69 5.60
N PRO C 375 25.22 2.38 4.36
CA PRO C 375 26.20 1.99 3.34
C PRO C 375 27.16 3.11 2.98
N HIS C 376 28.47 2.86 3.09
CA HIS C 376 29.50 3.85 2.77
C HIS C 376 30.79 3.19 2.32
#